data_4UFI
#
_entry.id   4UFI
#
_cell.length_a   249.820
_cell.length_b   249.820
_cell.length_c   77.780
_cell.angle_alpha   90.00
_cell.angle_beta   90.00
_cell.angle_gamma   120.00
#
_symmetry.space_group_name_H-M   'H 3 2'
#
loop_
_entity.id
_entity.type
_entity.pdbx_description
1 polymer GALACTOCEREBROSIDASE
2 branched 2-acetamido-2-deoxy-beta-D-glucopyranose-(1-4)-2-acetamido-2-deoxy-beta-D-glucopyranose
3 non-polymer (3R,4S,5R)-3-(hydroxymethyl)-1,2-diazinane-4,5-diol
4 non-polymer 2-acetamido-2-deoxy-beta-D-glucopyranose
5 non-polymer 'CALCIUM ION'
6 water water
#
_entity_poly.entity_id   1
_entity_poly.type   'polypeptide(L)'
_entity_poly.pdbx_seq_one_letter_code
;HHHHHHIEGRGAYVLDDSDGLGREFDGIGAVSGGGATSRLLVNYPEPYRSEILDYLFKPNFGASLHILKVEIGGDGQTTD
GTEPSHMHYELDENYFRGYEWWLMKEAKKRNPDIILMGLPWSFPGWLGKGFSWPYVNLQLTAYYVVRWILGAKHYHDLDI
DYIGIWNERPFDANYIKELRKMLDYQGLQRVRIIASDNLWEPISSSLLLDQELWKVVDVIGAHYPGTYTVWNAKMSGKKL
WSSEDFSTINSNVGAGCWSRILNQNYINGNMTSTIAWNLVASYYEELPYGRSGLMTAQEPWSGHYVVASPIWVSAHTTQF
TQPGWYYLKTVGHLEKGGSYVALTDGLGNLTIIIETMSHQHSMCIRPYLPYYNVSHQLATFTLKGSLREIQELQVWYTKL
GTPQQRLHFKQLDTLWLLDGSGSFTLELEEDEIFTLTTLTTGRKGSYPPPPSSKPFPTNYKDDFNVEYPLFSEAPNFADQ
TGVFEYYMNNEDREHRFTLRQVLNQRPITWAADASSTISVIGDHHWTNMTVQCDVYIETPRSGGVFIAGRVNKGGILIRS
ATGVFFWIFANGSYRVTADLGGWITYASGHADVTAKRWYTLTLGIKGYFAFGMLNGTILWKNVRVKYPGHGWAAIGTHTF
EFAQFDNFRVEAAR
;
_entity_poly.pdbx_strand_id   A
#
loop_
_chem_comp.id
_chem_comp.type
_chem_comp.name
_chem_comp.formula
AGK non-polymer (3R,4S,5R)-3-(hydroxymethyl)-1,2-diazinane-4,5-diol 'C5 H12 N2 O3'
CA non-polymer 'CALCIUM ION' 'Ca 2'
NAG D-saccharide, beta linking 2-acetamido-2-deoxy-beta-D-glucopyranose 'C8 H15 N O6'
#
# COMPACT_ATOMS: atom_id res chain seq x y z
N GLY A 11 -17.27 36.34 -2.55
CA GLY A 11 -16.95 37.59 -1.90
C GLY A 11 -16.60 37.39 -0.45
N ALA A 12 -17.61 37.48 0.42
CA ALA A 12 -17.44 37.19 1.83
C ALA A 12 -17.99 35.80 2.13
N TYR A 13 -17.31 35.06 3.00
CA TYR A 13 -17.73 33.71 3.37
C TYR A 13 -18.00 33.62 4.87
N VAL A 14 -19.22 33.30 5.25
CA VAL A 14 -19.58 33.17 6.65
C VAL A 14 -19.20 31.81 7.24
N LEU A 15 -18.46 31.82 8.35
CA LEU A 15 -18.17 30.61 9.09
C LEU A 15 -18.93 30.63 10.40
N ASP A 16 -19.87 29.72 10.58
CA ASP A 16 -20.74 29.76 11.73
C ASP A 16 -21.06 28.37 12.28
N ASP A 17 -21.42 28.32 13.57
CA ASP A 17 -21.82 27.07 14.21
C ASP A 17 -23.15 27.26 14.92
N SER A 18 -23.76 28.42 14.70
CA SER A 18 -24.95 28.82 15.43
C SER A 18 -26.17 27.97 15.11
N ASP A 19 -26.26 27.49 13.88
CA ASP A 19 -27.39 26.63 13.49
C ASP A 19 -27.01 25.15 13.55
N GLY A 20 -25.85 24.86 14.11
CA GLY A 20 -25.43 23.48 14.27
C GLY A 20 -24.16 23.12 13.53
N LEU A 21 -23.83 21.83 13.52
CA LEU A 21 -22.58 21.41 12.92
C LEU A 21 -22.83 20.49 11.75
N GLY A 22 -21.81 20.27 10.94
CA GLY A 22 -21.87 19.28 9.90
C GLY A 22 -21.64 17.88 10.45
N ARG A 23 -21.00 17.04 9.66
CA ARG A 23 -20.78 15.67 10.05
C ARG A 23 -19.50 15.53 10.85
N GLU A 24 -19.46 14.54 11.74
CA GLU A 24 -18.26 14.28 12.50
C GLU A 24 -17.14 13.82 11.57
N PHE A 25 -15.95 14.38 11.75
CA PHE A 25 -14.76 14.05 10.96
C PHE A 25 -14.14 12.75 11.49
N ASP A 26 -13.73 11.86 10.59
CA ASP A 26 -13.31 10.53 11.02
C ASP A 26 -11.82 10.28 10.88
N GLY A 27 -11.10 11.13 10.16
CA GLY A 27 -9.66 11.01 10.07
C GLY A 27 -9.12 10.89 8.67
N ILE A 28 -7.85 11.16 8.52
CA ILE A 28 -7.15 10.91 7.26
C ILE A 28 -6.16 9.77 7.47
N GLY A 29 -6.03 8.91 6.48
CA GLY A 29 -5.08 7.83 6.60
C GLY A 29 -4.50 7.37 5.29
N ALA A 30 -3.93 6.17 5.30
CA ALA A 30 -3.30 5.60 4.13
C ALA A 30 -3.22 4.07 4.20
N VAL A 31 -2.93 3.45 3.07
CA VAL A 31 -2.95 2.01 2.96
C VAL A 31 -1.54 1.44 2.80
N SER A 32 -1.20 0.51 3.68
CA SER A 32 -0.05 -0.35 3.39
C SER A 32 -0.58 -1.70 2.95
N GLY A 33 -0.26 -2.04 1.71
CA GLY A 33 -0.72 -3.28 1.14
C GLY A 33 -1.47 -3.07 -0.15
N GLY A 34 -1.83 -4.17 -0.79
CA GLY A 34 -2.39 -4.15 -2.13
C GLY A 34 -1.46 -3.53 -3.15
N GLY A 35 -0.28 -4.08 -3.36
CA GLY A 35 0.23 -5.25 -2.67
C GLY A 35 1.73 -5.14 -2.50
N ALA A 36 2.22 -5.41 -1.30
CA ALA A 36 3.66 -5.39 -0.99
C ALA A 36 4.24 -3.99 -1.16
N THR A 37 3.46 -2.98 -0.80
CA THR A 37 3.88 -1.62 -0.98
C THR A 37 4.92 -1.20 0.05
N SER A 38 4.92 -1.84 1.21
CA SER A 38 5.89 -1.55 2.26
C SER A 38 7.06 -2.54 2.26
N ARG A 39 7.20 -3.31 1.18
CA ARG A 39 8.17 -4.39 1.11
C ARG A 39 9.63 -3.99 1.38
N LEU A 40 10.06 -2.88 0.79
CA LEU A 40 11.44 -2.47 0.86
C LEU A 40 11.78 -1.57 2.04
N LEU A 41 10.79 -1.29 2.88
CA LEU A 41 11.01 -0.43 4.03
C LEU A 41 11.64 -1.16 5.21
N VAL A 42 11.34 -2.44 5.36
CA VAL A 42 11.70 -3.18 6.57
C VAL A 42 13.21 -3.37 6.77
N ASN A 43 13.98 -3.38 5.69
CA ASN A 43 15.41 -3.56 5.80
C ASN A 43 16.19 -2.26 5.61
N TYR A 44 15.53 -1.12 5.87
CA TYR A 44 16.24 0.14 6.00
C TYR A 44 17.08 0.12 7.27
N PRO A 45 18.32 0.59 7.18
CA PRO A 45 19.14 0.70 8.38
C PRO A 45 18.62 1.80 9.30
N GLU A 46 19.00 1.78 10.57
CA GLU A 46 18.74 2.90 11.44
C GLU A 46 19.81 3.95 11.17
N PRO A 47 19.50 5.23 11.42
CA PRO A 47 18.27 5.74 12.03
C PRO A 47 17.15 5.95 11.02
N TYR A 48 17.47 5.79 9.74
CA TYR A 48 16.59 6.20 8.65
C TYR A 48 15.20 5.56 8.70
N ARG A 49 15.13 4.25 8.97
CA ARG A 49 13.85 3.56 9.03
C ARG A 49 12.93 4.18 10.05
N SER A 50 13.49 4.62 11.15
CA SER A 50 12.74 5.24 12.23
C SER A 50 12.30 6.66 11.87
N GLU A 51 13.19 7.39 11.20
CA GLU A 51 12.89 8.72 10.73
C GLU A 51 11.71 8.67 9.77
N ILE A 52 11.75 7.71 8.85
CA ILE A 52 10.68 7.51 7.89
C ILE A 52 9.35 7.30 8.60
N LEU A 53 9.34 6.43 9.58
CA LEU A 53 8.11 6.14 10.30
C LEU A 53 7.61 7.35 11.09
N ASP A 54 8.54 8.21 11.51
CA ASP A 54 8.18 9.45 12.21
C ASP A 54 7.47 10.42 11.27
N TYR A 55 8.03 10.56 10.08
CA TYR A 55 7.46 11.43 9.05
C TYR A 55 6.04 11.01 8.69
N LEU A 56 5.73 9.73 8.90
CA LEU A 56 4.42 9.20 8.60
C LEU A 56 3.47 9.23 9.77
N PHE A 57 3.96 8.85 10.95
CA PHE A 57 3.08 8.56 12.07
C PHE A 57 3.28 9.38 13.34
N LYS A 58 4.44 10.03 13.50
CA LYS A 58 4.63 10.86 14.67
C LYS A 58 3.75 12.11 14.62
N PRO A 59 2.98 12.32 15.70
CA PRO A 59 2.11 13.48 15.84
C PRO A 59 2.89 14.79 15.83
N ASN A 60 2.31 15.81 15.20
CA ASN A 60 2.91 17.13 15.16
C ASN A 60 4.30 17.11 14.59
N PHE A 61 4.46 16.44 13.45
CA PHE A 61 5.79 16.27 12.88
C PHE A 61 5.70 16.25 11.36
N GLY A 62 5.16 15.17 10.82
CA GLY A 62 4.98 15.04 9.39
C GLY A 62 3.54 14.78 9.01
N ALA A 63 3.30 13.70 8.27
CA ALA A 63 1.96 13.38 7.79
C ALA A 63 1.00 13.13 8.95
N SER A 64 1.54 12.73 10.11
CA SER A 64 0.78 12.59 11.35
C SER A 64 -0.57 11.90 11.16
N LEU A 65 -0.56 10.78 10.47
CA LEU A 65 -1.76 10.11 10.02
C LEU A 65 -2.66 9.62 11.14
N HIS A 66 -3.97 9.69 10.91
CA HIS A 66 -4.97 9.35 11.91
C HIS A 66 -5.33 7.90 11.84
N ILE A 67 -5.12 7.33 10.66
CA ILE A 67 -5.63 6.03 10.28
C ILE A 67 -4.59 5.25 9.51
N LEU A 68 -4.39 3.99 9.86
CA LEU A 68 -3.56 3.10 9.06
C LEU A 68 -4.33 1.86 8.67
N LYS A 69 -4.42 1.64 7.37
CA LYS A 69 -5.12 0.50 6.82
C LYS A 69 -4.13 -0.46 6.18
N VAL A 70 -4.25 -1.75 6.52
CA VAL A 70 -3.33 -2.73 5.97
C VAL A 70 -4.05 -3.89 5.30
N GLU A 71 -3.41 -4.47 4.30
CA GLU A 71 -3.88 -5.71 3.69
C GLU A 71 -3.78 -6.85 4.68
N ILE A 72 -4.81 -7.70 4.70
CA ILE A 72 -4.71 -9.00 5.33
C ILE A 72 -4.26 -9.98 4.27
N GLY A 73 -2.96 -10.28 4.27
CA GLY A 73 -2.33 -11.09 3.25
C GLY A 73 -3.01 -12.43 3.04
N GLY A 74 -3.16 -12.81 1.77
CA GLY A 74 -3.80 -14.06 1.42
C GLY A 74 -2.97 -14.89 0.44
N ASP A 75 -1.67 -14.59 0.36
CA ASP A 75 -0.70 -15.27 -0.48
C ASP A 75 -0.84 -15.03 -1.98
N GLY A 76 -1.80 -14.20 -2.41
CA GLY A 76 -1.92 -13.88 -3.82
C GLY A 76 -1.26 -12.57 -4.20
N GLN A 77 -0.93 -12.41 -5.49
CA GLN A 77 -0.52 -11.12 -6.05
C GLN A 77 -1.61 -10.04 -5.91
N THR A 78 -1.27 -8.90 -5.34
CA THR A 78 -2.28 -7.92 -5.06
C THR A 78 -1.92 -6.49 -5.46
N THR A 79 -0.91 -6.35 -6.31
CA THR A 79 -0.64 -5.23 -7.24
C THR A 79 0.86 -5.03 -7.47
N ASP A 80 1.66 -5.10 -6.40
CA ASP A 80 3.11 -4.96 -6.50
C ASP A 80 3.86 -6.13 -5.85
N GLY A 81 3.13 -7.20 -5.60
CA GLY A 81 3.71 -8.38 -5.01
C GLY A 81 2.67 -9.20 -4.29
N THR A 82 3.09 -10.30 -3.68
CA THR A 82 2.21 -11.08 -2.82
C THR A 82 2.49 -10.73 -1.37
N GLU A 83 1.54 -11.01 -0.49
CA GLU A 83 1.75 -10.82 0.93
C GLU A 83 1.34 -12.08 1.63
N PRO A 84 2.15 -12.51 2.61
CA PRO A 84 1.92 -13.80 3.27
C PRO A 84 0.68 -13.84 4.17
N SER A 85 -0.01 -14.97 4.12
CA SER A 85 -1.17 -15.17 4.94
C SER A 85 -0.79 -15.73 6.32
N HIS A 86 -1.68 -15.63 7.28
CA HIS A 86 -1.48 -16.23 8.59
C HIS A 86 -1.89 -17.72 8.59
N MET A 87 -2.55 -18.15 7.52
CA MET A 87 -2.94 -19.55 7.34
C MET A 87 -2.66 -20.02 5.91
N HIS A 88 -1.43 -20.45 5.64
CA HIS A 88 -1.06 -20.95 4.32
C HIS A 88 -1.87 -22.18 3.95
N TYR A 89 -2.09 -23.02 4.96
CA TYR A 89 -2.78 -24.28 4.78
C TYR A 89 -3.81 -24.38 5.86
N GLU A 90 -4.76 -25.28 5.69
CA GLU A 90 -5.64 -25.65 6.78
C GLU A 90 -4.77 -26.13 7.93
N LEU A 91 -5.15 -25.75 9.15
CA LEU A 91 -4.47 -26.12 10.39
C LEU A 91 -3.16 -25.38 10.60
N ASP A 92 -2.85 -24.42 9.74
CA ASP A 92 -1.67 -23.62 9.94
C ASP A 92 -2.05 -22.26 10.50
N GLU A 93 -1.39 -21.86 11.59
CA GLU A 93 -1.59 -20.54 12.13
C GLU A 93 -0.25 -19.95 12.52
N ASN A 94 0.05 -18.79 11.97
CA ASN A 94 1.28 -18.09 12.30
C ASN A 94 1.04 -16.60 12.20
N TYR A 95 1.28 -15.89 13.30
CA TYR A 95 0.98 -14.48 13.36
C TYR A 95 2.23 -13.61 13.34
N PHE A 96 3.27 -14.12 12.69
CA PHE A 96 4.52 -13.39 12.63
C PHE A 96 5.09 -13.31 11.22
N ARG A 97 4.28 -13.55 10.22
CA ARG A 97 4.74 -13.43 8.85
C ARG A 97 4.56 -12.01 8.31
N GLY A 98 5.35 -11.64 7.31
CA GLY A 98 5.24 -10.33 6.69
C GLY A 98 5.60 -9.15 7.55
N TYR A 99 5.12 -7.96 7.16
CA TYR A 99 5.56 -6.74 7.81
C TYR A 99 4.42 -5.85 8.29
N GLU A 100 3.16 -6.25 8.08
CA GLU A 100 2.07 -5.42 8.52
C GLU A 100 1.90 -5.42 10.05
N TRP A 101 2.16 -6.55 10.70
CA TRP A 101 2.16 -6.56 12.16
C TRP A 101 3.16 -5.53 12.70
N TRP A 102 4.34 -5.58 12.12
CA TRP A 102 5.42 -4.69 12.48
C TRP A 102 5.02 -3.23 12.25
N LEU A 103 4.52 -2.94 11.06
CA LEU A 103 4.08 -1.59 10.70
C LEU A 103 3.02 -1.04 11.64
N MET A 104 2.01 -1.85 11.96
CA MET A 104 0.99 -1.42 12.89
C MET A 104 1.58 -1.11 14.27
N LYS A 105 2.55 -1.90 14.72
CA LYS A 105 3.12 -1.68 16.04
C LYS A 105 3.95 -0.40 16.08
N GLU A 106 4.67 -0.14 15.01
CA GLU A 106 5.46 1.08 14.88
C GLU A 106 4.57 2.33 14.85
N ALA A 107 3.48 2.25 14.12
CA ALA A 107 2.52 3.34 14.04
C ALA A 107 1.94 3.62 15.41
N LYS A 108 1.58 2.55 16.11
CA LYS A 108 0.95 2.68 17.41
C LYS A 108 1.93 3.16 18.48
N LYS A 109 3.21 2.91 18.29
CA LYS A 109 4.23 3.44 19.20
C LYS A 109 4.27 4.95 19.14
N ARG A 110 4.17 5.48 17.93
CA ARG A 110 4.25 6.91 17.71
C ARG A 110 2.94 7.58 18.02
N ASN A 111 1.83 6.94 17.66
CA ASN A 111 0.51 7.47 17.92
C ASN A 111 -0.41 6.38 18.47
N PRO A 112 -0.58 6.34 19.80
CA PRO A 112 -1.44 5.33 20.44
C PRO A 112 -2.90 5.44 20.05
N ASP A 113 -3.30 6.60 19.53
CA ASP A 113 -4.69 6.76 19.15
C ASP A 113 -4.93 6.52 17.67
N ILE A 114 -3.93 6.02 16.94
CA ILE A 114 -4.13 5.73 15.54
C ILE A 114 -5.21 4.68 15.35
N ILE A 115 -5.93 4.80 14.25
CA ILE A 115 -7.05 3.93 13.94
C ILE A 115 -6.61 2.88 12.95
N LEU A 116 -6.79 1.62 13.31
CA LEU A 116 -6.28 0.49 12.53
C LEU A 116 -7.39 -0.24 11.80
N MET A 117 -7.18 -0.50 10.51
CA MET A 117 -8.13 -1.27 9.72
C MET A 117 -7.46 -2.43 8.98
N GLY A 118 -8.20 -3.51 8.79
CA GLY A 118 -7.74 -4.60 7.95
C GLY A 118 -8.70 -4.93 6.83
N LEU A 119 -8.16 -5.38 5.71
CA LEU A 119 -8.97 -5.75 4.55
C LEU A 119 -8.26 -6.78 3.69
N PRO A 120 -8.95 -7.87 3.33
CA PRO A 120 -8.39 -8.85 2.39
C PRO A 120 -8.47 -8.42 0.93
N TRP A 121 -7.40 -8.66 0.17
CA TRP A 121 -7.40 -8.64 -1.29
C TRP A 121 -7.53 -10.06 -1.84
N SER A 122 -6.70 -10.97 -1.36
CA SER A 122 -6.76 -12.37 -1.78
C SER A 122 -6.97 -13.28 -0.57
N PHE A 123 -7.19 -14.56 -0.82
CA PHE A 123 -7.37 -15.57 0.21
C PHE A 123 -6.55 -16.80 -0.15
N PRO A 124 -6.14 -17.59 0.84
CA PRO A 124 -5.48 -18.88 0.53
C PRO A 124 -6.42 -19.84 -0.19
N GLY A 125 -5.88 -20.62 -1.10
CA GLY A 125 -6.70 -21.48 -1.93
C GLY A 125 -7.55 -22.48 -1.16
N TRP A 126 -7.04 -22.98 -0.04
CA TRP A 126 -7.76 -24.02 0.69
C TRP A 126 -9.11 -23.51 1.20
N LEU A 127 -9.27 -22.20 1.37
CA LEU A 127 -10.57 -21.65 1.75
C LEU A 127 -11.67 -21.87 0.73
N GLY A 128 -11.29 -22.04 -0.53
CA GLY A 128 -12.26 -22.20 -1.58
C GLY A 128 -12.81 -23.60 -1.70
N LYS A 129 -12.21 -24.56 -1.01
CA LYS A 129 -12.68 -25.93 -1.00
C LYS A 129 -12.86 -26.48 -2.42
N GLY A 130 -11.94 -26.16 -3.33
CA GLY A 130 -12.07 -26.62 -4.69
C GLY A 130 -12.40 -25.54 -5.71
N PHE A 131 -12.83 -24.38 -5.23
CA PHE A 131 -13.15 -23.27 -6.13
C PHE A 131 -12.36 -22.04 -5.77
N SER A 132 -12.20 -21.12 -6.71
CA SER A 132 -11.53 -19.87 -6.43
C SER A 132 -12.58 -18.86 -6.01
N TRP A 133 -13.26 -19.15 -4.91
CA TRP A 133 -14.40 -18.34 -4.46
C TRP A 133 -14.52 -18.39 -2.95
N PRO A 134 -14.41 -17.21 -2.32
CA PRO A 134 -14.37 -17.13 -0.85
C PRO A 134 -15.73 -17.24 -0.18
N TYR A 135 -16.80 -17.43 -0.94
CA TYR A 135 -18.12 -17.47 -0.31
C TYR A 135 -18.76 -18.85 -0.38
N VAL A 136 -18.00 -19.86 -0.77
CA VAL A 136 -18.49 -21.23 -0.73
C VAL A 136 -18.86 -21.66 0.69
N ASN A 137 -18.00 -21.39 1.66
CA ASN A 137 -18.29 -21.72 3.05
C ASN A 137 -18.13 -20.46 3.88
N LEU A 138 -19.25 -19.85 4.25
CA LEU A 138 -19.23 -18.52 4.84
C LEU A 138 -18.58 -18.53 6.20
N GLN A 139 -18.86 -19.56 6.98
CA GLN A 139 -18.32 -19.63 8.32
C GLN A 139 -16.80 -19.76 8.25
N LEU A 140 -16.29 -20.53 7.28
CA LEU A 140 -14.86 -20.76 7.17
C LEU A 140 -14.10 -19.48 6.83
N THR A 141 -14.58 -18.75 5.83
CA THR A 141 -13.92 -17.49 5.47
C THR A 141 -13.97 -16.46 6.61
N ALA A 142 -15.08 -16.40 7.33
CA ALA A 142 -15.19 -15.49 8.46
C ALA A 142 -14.26 -15.90 9.60
N TYR A 143 -14.21 -17.21 9.86
CA TYR A 143 -13.30 -17.79 10.83
C TYR A 143 -11.85 -17.36 10.56
N TYR A 144 -11.45 -17.49 9.29
CA TYR A 144 -10.13 -17.08 8.85
C TYR A 144 -9.87 -15.60 9.15
N VAL A 145 -10.85 -14.76 8.83
CA VAL A 145 -10.67 -13.33 9.01
C VAL A 145 -10.65 -12.94 10.47
N VAL A 146 -11.52 -13.54 11.26
CA VAL A 146 -11.60 -13.20 12.67
C VAL A 146 -10.35 -13.70 13.44
N ARG A 147 -9.75 -14.78 12.95
CA ARG A 147 -8.50 -15.29 13.51
C ARG A 147 -7.41 -14.24 13.39
N TRP A 148 -7.41 -13.52 12.28
CA TRP A 148 -6.43 -12.47 12.07
C TRP A 148 -6.60 -11.37 13.11
N ILE A 149 -7.85 -11.05 13.43
CA ILE A 149 -8.11 -9.96 14.34
C ILE A 149 -7.76 -10.37 15.77
N LEU A 150 -8.07 -11.62 16.12
CA LEU A 150 -7.70 -12.14 17.43
C LEU A 150 -6.19 -12.17 17.60
N GLY A 151 -5.49 -12.59 16.54
CA GLY A 151 -4.05 -12.68 16.58
C GLY A 151 -3.40 -11.33 16.73
N ALA A 152 -3.95 -10.32 16.08
CA ALA A 152 -3.46 -8.95 16.25
C ALA A 152 -3.44 -8.56 17.72
N LYS A 153 -4.50 -8.92 18.44
CA LYS A 153 -4.60 -8.62 19.86
C LYS A 153 -3.67 -9.50 20.69
N HIS A 154 -3.77 -10.80 20.49
CA HIS A 154 -3.09 -11.75 21.35
C HIS A 154 -1.58 -11.75 21.22
N TYR A 155 -1.06 -11.56 20.01
CA TYR A 155 0.38 -11.62 19.81
C TYR A 155 1.06 -10.27 19.70
N HIS A 156 0.34 -9.23 19.31
CA HIS A 156 0.98 -7.96 19.07
C HIS A 156 0.37 -6.82 19.88
N ASP A 157 -0.71 -7.13 20.58
CA ASP A 157 -1.43 -6.16 21.42
C ASP A 157 -2.07 -5.04 20.62
N LEU A 158 -2.55 -5.37 19.42
CA LEU A 158 -3.24 -4.43 18.55
C LEU A 158 -4.73 -4.65 18.57
N ASP A 159 -5.48 -3.58 18.81
CA ASP A 159 -6.92 -3.59 18.61
C ASP A 159 -7.25 -3.16 17.20
N ILE A 160 -7.88 -4.02 16.42
CA ILE A 160 -8.28 -3.62 15.08
C ILE A 160 -9.60 -2.89 15.17
N ASP A 161 -9.66 -1.71 14.57
CA ASP A 161 -10.86 -0.89 14.67
C ASP A 161 -11.88 -1.21 13.57
N TYR A 162 -11.42 -1.47 12.35
CA TYR A 162 -12.37 -1.77 11.27
C TYR A 162 -11.99 -2.98 10.46
N ILE A 163 -12.98 -3.77 10.08
CA ILE A 163 -12.74 -4.89 9.18
C ILE A 163 -13.57 -4.72 7.91
N GLY A 164 -12.94 -4.94 6.76
CA GLY A 164 -13.63 -4.88 5.49
C GLY A 164 -14.04 -6.25 4.96
N ILE A 165 -14.47 -6.28 3.69
CA ILE A 165 -15.01 -7.50 3.10
C ILE A 165 -14.06 -8.13 2.06
N TRP A 166 -14.06 -7.62 0.84
CA TRP A 166 -13.18 -8.15 -0.20
C TRP A 166 -12.85 -7.06 -1.21
N ASN A 167 -11.64 -6.53 -1.14
CA ASN A 167 -11.22 -5.35 -1.88
C ASN A 167 -11.59 -5.32 -3.35
N GLU A 168 -12.49 -4.40 -3.70
CA GLU A 168 -12.91 -4.17 -5.09
C GLU A 168 -13.43 -5.44 -5.76
N ARG A 169 -14.05 -6.29 -4.97
CA ARG A 169 -14.60 -7.55 -5.44
C ARG A 169 -16.01 -7.68 -4.89
N PRO A 170 -16.80 -8.61 -5.42
CA PRO A 170 -18.19 -8.63 -4.93
C PRO A 170 -18.30 -8.98 -3.47
N PHE A 171 -19.31 -8.41 -2.81
CA PHE A 171 -19.61 -8.79 -1.45
C PHE A 171 -20.76 -9.79 -1.43
N ASP A 172 -20.93 -10.46 -0.30
CA ASP A 172 -22.03 -11.37 -0.12
C ASP A 172 -22.72 -10.93 1.15
N ALA A 173 -24.01 -10.65 1.07
CA ALA A 173 -24.73 -10.10 2.21
C ALA A 173 -24.75 -11.06 3.40
N ASN A 174 -24.93 -12.35 3.11
CA ASN A 174 -24.91 -13.37 4.14
C ASN A 174 -23.54 -13.47 4.81
N TYR A 175 -22.49 -13.26 4.04
CA TYR A 175 -21.15 -13.22 4.60
C TYR A 175 -20.96 -12.11 5.61
N ILE A 176 -21.43 -10.91 5.25
CA ILE A 176 -21.30 -9.76 6.13
C ILE A 176 -22.04 -10.03 7.44
N LYS A 177 -23.21 -10.64 7.34
CA LYS A 177 -23.98 -10.98 8.53
C LYS A 177 -23.28 -12.04 9.39
N GLU A 178 -22.71 -13.04 8.73
CA GLU A 178 -21.99 -14.10 9.42
C GLU A 178 -20.73 -13.56 10.11
N LEU A 179 -19.99 -12.71 9.39
CA LEU A 179 -18.82 -12.04 9.94
C LEU A 179 -19.14 -11.26 11.21
N ARG A 180 -20.24 -10.50 11.22
CA ARG A 180 -20.70 -9.81 12.42
C ARG A 180 -21.00 -10.78 13.56
N LYS A 181 -21.74 -11.83 13.24
CA LYS A 181 -22.10 -12.87 14.20
C LYS A 181 -20.86 -13.54 14.78
N MET A 182 -19.87 -13.75 13.94
CA MET A 182 -18.63 -14.42 14.33
C MET A 182 -17.79 -13.52 15.22
N LEU A 183 -17.67 -12.25 14.86
CA LEU A 183 -16.98 -11.25 15.68
C LEU A 183 -17.57 -11.16 17.07
N ASP A 184 -18.88 -10.93 17.15
CA ASP A 184 -19.57 -10.87 18.43
C ASP A 184 -19.32 -12.14 19.25
N TYR A 185 -19.33 -13.30 18.59
CA TYR A 185 -19.16 -14.56 19.28
C TYR A 185 -17.76 -14.68 19.90
N GLN A 186 -16.78 -14.05 19.27
CA GLN A 186 -15.43 -14.02 19.76
C GLN A 186 -15.11 -12.83 20.67
N GLY A 187 -16.12 -12.12 21.15
CA GLY A 187 -15.88 -11.00 22.05
C GLY A 187 -15.30 -9.79 21.34
N LEU A 188 -15.58 -9.66 20.04
CA LEU A 188 -15.09 -8.53 19.26
C LEU A 188 -16.24 -7.60 18.86
N GLN A 189 -17.20 -7.43 19.76
CA GLN A 189 -18.30 -6.50 19.52
C GLN A 189 -17.82 -5.09 19.16
N ARG A 190 -16.66 -4.68 19.66
CA ARG A 190 -16.18 -3.35 19.37
C ARG A 190 -15.63 -3.17 17.96
N VAL A 191 -15.33 -4.25 17.27
CA VAL A 191 -14.86 -4.12 15.89
C VAL A 191 -16.01 -3.73 14.98
N ARG A 192 -15.75 -2.75 14.10
CA ARG A 192 -16.76 -2.25 13.18
C ARG A 192 -16.51 -2.75 11.76
N ILE A 193 -17.59 -2.84 10.99
CA ILE A 193 -17.52 -3.37 9.66
C ILE A 193 -17.70 -2.29 8.59
N ILE A 194 -16.81 -2.29 7.60
CA ILE A 194 -16.89 -1.35 6.49
C ILE A 194 -17.11 -2.13 5.20
N ALA A 195 -18.00 -1.62 4.36
CA ALA A 195 -18.37 -2.30 3.14
C ALA A 195 -18.62 -1.30 2.02
N SER A 196 -18.35 -1.67 0.78
CA SER A 196 -17.77 -2.96 0.44
C SER A 196 -16.44 -2.75 -0.27
N ASP A 197 -15.85 -1.58 -0.04
CA ASP A 197 -14.58 -1.23 -0.62
C ASP A 197 -14.54 -1.44 -2.13
N ASN A 198 -15.56 -0.93 -2.80
CA ASN A 198 -15.67 -0.97 -4.24
C ASN A 198 -16.45 0.29 -4.68
N LEU A 199 -17.55 0.12 -5.41
CA LEU A 199 -18.36 1.25 -5.83
C LEU A 199 -19.44 1.51 -4.81
N TRP A 200 -20.15 2.62 -4.97
CA TRP A 200 -21.26 2.95 -4.07
C TRP A 200 -22.37 1.91 -4.15
N GLU A 201 -22.53 1.31 -5.32
CA GLU A 201 -23.53 0.28 -5.54
C GLU A 201 -22.81 -1.01 -5.88
N PRO A 202 -23.38 -2.15 -5.48
CA PRO A 202 -24.71 -2.28 -4.89
C PRO A 202 -24.82 -2.17 -3.37
N ILE A 203 -23.78 -1.79 -2.64
CA ILE A 203 -23.89 -1.80 -1.19
C ILE A 203 -24.92 -0.79 -0.70
N SER A 204 -24.98 0.39 -1.30
CA SER A 204 -25.85 1.44 -0.78
C SER A 204 -27.35 1.11 -0.88
N SER A 205 -27.82 0.61 -2.02
CA SER A 205 -29.23 0.22 -2.11
C SER A 205 -29.54 -1.00 -1.27
N SER A 206 -28.59 -1.93 -1.16
CA SER A 206 -28.75 -3.10 -0.31
C SER A 206 -29.05 -2.74 1.14
N LEU A 207 -28.41 -1.68 1.63
CA LEU A 207 -28.67 -1.23 3.00
C LEU A 207 -30.08 -0.66 3.20
N LEU A 208 -30.69 -0.13 2.13
CA LEU A 208 -32.03 0.45 2.24
C LEU A 208 -33.09 -0.60 2.15
N LEU A 209 -32.78 -1.71 1.50
CA LEU A 209 -33.75 -2.75 1.27
C LEU A 209 -33.72 -3.83 2.36
N ASP A 210 -32.66 -3.82 3.17
CA ASP A 210 -32.39 -4.91 4.10
C ASP A 210 -32.00 -4.35 5.45
N GLN A 211 -32.94 -4.39 6.39
CA GLN A 211 -32.73 -3.86 7.73
C GLN A 211 -31.64 -4.64 8.50
N GLU A 212 -31.57 -5.94 8.26
CA GLU A 212 -30.59 -6.76 8.97
C GLU A 212 -29.18 -6.44 8.50
N LEU A 213 -29.03 -6.16 7.21
CA LEU A 213 -27.76 -5.76 6.67
C LEU A 213 -27.37 -4.36 7.14
N TRP A 214 -28.33 -3.46 7.13
CA TRP A 214 -28.14 -2.09 7.58
C TRP A 214 -27.61 -2.05 9.02
N LYS A 215 -28.17 -2.89 9.90
CA LYS A 215 -27.70 -2.93 11.29
C LYS A 215 -26.23 -3.36 11.46
N VAL A 216 -25.72 -4.23 10.59
CA VAL A 216 -24.37 -4.78 10.77
C VAL A 216 -23.27 -4.02 10.03
N VAL A 217 -23.63 -3.10 9.13
CA VAL A 217 -22.63 -2.30 8.42
C VAL A 217 -22.52 -0.92 9.06
N ASP A 218 -21.34 -0.54 9.49
CA ASP A 218 -21.16 0.73 10.19
C ASP A 218 -20.73 1.84 9.26
N VAL A 219 -19.92 1.50 8.27
CA VAL A 219 -19.37 2.50 7.37
C VAL A 219 -19.51 2.04 5.94
N ILE A 220 -19.89 2.94 5.04
CA ILE A 220 -19.80 2.68 3.62
C ILE A 220 -18.54 3.29 3.05
N GLY A 221 -17.61 2.44 2.61
CA GLY A 221 -16.36 2.92 2.05
C GLY A 221 -16.32 2.67 0.56
N ALA A 222 -16.15 3.73 -0.21
CA ALA A 222 -16.11 3.62 -1.66
C ALA A 222 -14.72 3.94 -2.16
N HIS A 223 -14.35 3.40 -3.32
CA HIS A 223 -13.03 3.62 -3.89
C HIS A 223 -13.04 4.59 -5.07
N TYR A 224 -12.09 5.52 -5.08
CA TYR A 224 -11.92 6.48 -6.16
C TYR A 224 -13.21 7.16 -6.64
N PRO A 225 -13.94 7.80 -5.71
CA PRO A 225 -15.29 8.28 -6.02
C PRO A 225 -15.33 9.62 -6.77
N GLY A 226 -14.19 10.24 -7.00
CA GLY A 226 -14.15 11.51 -7.71
C GLY A 226 -14.86 12.61 -6.93
N THR A 227 -14.76 12.54 -5.60
CA THR A 227 -15.29 13.52 -4.64
C THR A 227 -16.81 13.50 -4.49
N TYR A 228 -17.49 12.68 -5.29
CA TYR A 228 -18.95 12.59 -5.24
C TYR A 228 -19.44 11.29 -4.60
N THR A 229 -20.64 11.33 -4.03
CA THR A 229 -21.34 10.12 -3.58
C THR A 229 -22.66 9.93 -4.35
N VAL A 230 -23.60 9.17 -3.81
CA VAL A 230 -24.87 8.91 -4.49
C VAL A 230 -26.00 9.02 -3.50
N TRP A 231 -27.22 9.20 -3.99
CA TRP A 231 -28.37 9.48 -3.14
C TRP A 231 -28.63 8.37 -2.12
N ASN A 232 -28.59 7.12 -2.55
CA ASN A 232 -28.82 6.01 -1.63
C ASN A 232 -27.85 6.03 -0.43
N ALA A 233 -26.59 6.35 -0.70
CA ALA A 233 -25.60 6.41 0.38
C ALA A 233 -25.95 7.50 1.38
N LYS A 234 -26.35 8.67 0.89
CA LYS A 234 -26.81 9.75 1.77
C LYS A 234 -28.03 9.34 2.58
N MET A 235 -28.97 8.67 1.92
CA MET A 235 -30.18 8.20 2.58
C MET A 235 -29.92 7.26 3.74
N SER A 236 -28.85 6.48 3.63
CA SER A 236 -28.58 5.40 4.57
C SER A 236 -28.27 5.90 5.96
N GLY A 237 -27.75 7.11 6.04
CA GLY A 237 -27.39 7.68 7.33
C GLY A 237 -26.12 7.10 7.90
N LYS A 238 -25.36 6.37 7.08
CA LYS A 238 -24.07 5.84 7.51
C LYS A 238 -22.94 6.83 7.26
N LYS A 239 -21.88 6.71 8.03
CA LYS A 239 -20.63 7.35 7.69
C LYS A 239 -20.20 6.92 6.28
N LEU A 240 -19.78 7.88 5.48
CA LEU A 240 -19.33 7.63 4.13
C LEU A 240 -17.87 8.00 4.07
N TRP A 241 -17.04 7.08 3.62
CA TRP A 241 -15.61 7.32 3.53
C TRP A 241 -15.16 7.10 2.13
N SER A 242 -14.16 7.85 1.71
CA SER A 242 -13.35 7.47 0.57
C SER A 242 -12.29 6.49 1.08
N SER A 243 -12.62 5.21 1.09
CA SER A 243 -11.78 4.23 1.77
C SER A 243 -10.55 3.83 0.96
N GLU A 244 -10.47 4.26 -0.28
CA GLU A 244 -9.22 4.23 -1.05
C GLU A 244 -9.27 5.30 -2.11
N ASP A 245 -8.18 6.05 -2.26
CA ASP A 245 -8.10 7.17 -3.19
C ASP A 245 -6.62 7.44 -3.50
N PHE A 246 -6.35 8.56 -4.17
CA PHE A 246 -4.99 9.02 -4.50
C PHE A 246 -4.37 8.19 -5.62
N SER A 247 -3.46 7.28 -5.27
CA SER A 247 -2.79 6.40 -6.22
C SER A 247 -2.12 7.16 -7.38
N THR A 248 -1.55 8.31 -7.08
CA THR A 248 -0.88 9.10 -8.11
C THR A 248 0.56 9.34 -7.72
N ILE A 249 1.44 9.47 -8.71
CA ILE A 249 2.86 9.74 -8.45
C ILE A 249 3.03 10.93 -7.52
N ASN A 250 3.90 10.80 -6.52
CA ASN A 250 4.04 11.83 -5.51
C ASN A 250 4.93 13.02 -5.91
N SER A 251 4.86 13.42 -7.17
CA SER A 251 5.37 14.71 -7.60
C SER A 251 4.46 15.82 -7.09
N ASN A 252 4.67 17.05 -7.52
CA ASN A 252 3.79 18.14 -7.10
C ASN A 252 2.37 17.93 -7.61
N VAL A 253 2.25 17.23 -8.72
CA VAL A 253 0.95 16.92 -9.29
C VAL A 253 0.10 16.07 -8.37
N GLY A 254 0.66 14.94 -7.94
CA GLY A 254 -0.02 14.07 -6.99
C GLY A 254 -0.35 14.79 -5.71
N ALA A 255 0.53 15.68 -5.29
CA ALA A 255 0.29 16.44 -4.07
C ALA A 255 -0.90 17.38 -4.24
N GLY A 256 -1.07 17.92 -5.44
CA GLY A 256 -2.23 18.75 -5.75
C GLY A 256 -3.52 17.97 -5.71
N CYS A 257 -3.50 16.80 -6.33
CA CYS A 257 -4.62 15.87 -6.32
C CYS A 257 -5.03 15.57 -4.88
N TRP A 258 -4.05 15.24 -4.05
CA TRP A 258 -4.29 14.89 -2.66
C TRP A 258 -4.89 16.09 -1.95
N SER A 259 -4.35 17.27 -2.21
CA SER A 259 -4.84 18.47 -1.58
C SER A 259 -6.30 18.78 -1.91
N ARG A 260 -6.63 18.70 -3.20
CA ARG A 260 -7.96 19.03 -3.66
C ARG A 260 -9.01 18.07 -3.11
N ILE A 261 -8.72 16.78 -3.10
CA ILE A 261 -9.72 15.79 -2.73
C ILE A 261 -9.88 15.67 -1.22
N LEU A 262 -8.84 15.99 -0.45
CA LEU A 262 -8.99 15.99 1.00
C LEU A 262 -10.10 16.96 1.41
N ASN A 263 -10.13 18.12 0.76
CA ASN A 263 -11.20 19.09 1.00
C ASN A 263 -12.52 18.68 0.35
N GLN A 264 -12.47 18.39 -0.93
CA GLN A 264 -13.69 18.28 -1.71
C GLN A 264 -14.39 16.93 -1.67
N ASN A 265 -13.76 15.91 -1.05
CA ASN A 265 -14.47 14.69 -0.73
C ASN A 265 -15.55 14.98 0.31
N TYR A 266 -15.28 15.85 1.28
CA TYR A 266 -16.34 16.18 2.23
C TYR A 266 -17.35 17.14 1.62
N ILE A 267 -16.86 18.12 0.87
CA ILE A 267 -17.70 19.19 0.39
C ILE A 267 -18.72 18.70 -0.63
N ASN A 268 -18.28 17.90 -1.58
CA ASN A 268 -19.14 17.40 -2.65
C ASN A 268 -19.74 16.07 -2.36
N GLY A 269 -19.14 15.33 -1.45
CA GLY A 269 -19.52 13.94 -1.27
C GLY A 269 -19.91 13.51 0.12
N ASN A 270 -19.92 14.43 1.09
CA ASN A 270 -20.24 14.10 2.47
C ASN A 270 -19.29 13.06 3.08
N MET A 271 -18.14 12.85 2.45
CA MET A 271 -17.20 11.85 2.94
C MET A 271 -16.36 12.39 4.08
N THR A 272 -16.37 11.70 5.21
CA THR A 272 -15.76 12.22 6.41
C THR A 272 -14.41 11.57 6.72
N SER A 273 -13.91 10.82 5.74
CA SER A 273 -12.57 10.27 5.83
C SER A 273 -12.05 9.97 4.43
N THR A 274 -10.77 10.18 4.21
CA THR A 274 -10.14 9.81 2.95
C THR A 274 -8.86 9.04 3.25
N ILE A 275 -8.65 7.94 2.53
CA ILE A 275 -7.49 7.05 2.76
C ILE A 275 -6.71 6.84 1.48
N ALA A 276 -5.44 7.20 1.50
CA ALA A 276 -4.60 7.11 0.31
C ALA A 276 -3.97 5.73 0.10
N TRP A 277 -4.06 5.22 -1.11
CA TRP A 277 -3.17 4.18 -1.57
C TRP A 277 -2.04 4.86 -2.32
N ASN A 278 -0.80 4.73 -1.84
CA ASN A 278 -0.44 3.94 -0.67
C ASN A 278 0.35 4.75 0.34
N LEU A 279 0.64 4.15 1.48
CA LEU A 279 1.33 4.85 2.57
C LEU A 279 2.72 5.35 2.21
N VAL A 280 3.54 4.47 1.64
CA VAL A 280 4.90 4.82 1.28
C VAL A 280 5.37 3.96 0.13
N ALA A 281 6.01 4.56 -0.85
CA ALA A 281 6.49 3.80 -1.99
C ALA A 281 7.78 3.06 -1.65
N SER A 282 7.62 1.90 -1.02
CA SER A 282 8.75 1.03 -0.72
C SER A 282 8.65 -0.24 -1.56
N TYR A 283 8.54 -0.05 -2.86
CA TYR A 283 8.52 -1.15 -3.80
C TYR A 283 9.23 -0.67 -5.05
N TYR A 284 9.86 -1.57 -5.80
CA TYR A 284 10.57 -1.17 -7.00
C TYR A 284 9.70 -0.30 -7.91
N GLU A 285 10.27 0.78 -8.42
CA GLU A 285 9.53 1.81 -9.14
C GLU A 285 8.93 1.29 -10.44
N GLU A 286 9.58 0.28 -11.01
CA GLU A 286 9.19 -0.25 -12.29
C GLU A 286 8.08 -1.28 -12.17
N LEU A 287 7.69 -1.57 -10.94
CA LEU A 287 6.46 -2.32 -10.68
C LEU A 287 5.29 -1.37 -10.91
N PRO A 288 4.07 -1.90 -11.07
CA PRO A 288 2.90 -1.06 -11.36
C PRO A 288 2.69 0.09 -10.39
N TYR A 289 2.37 1.26 -10.90
CA TYR A 289 2.08 2.45 -10.10
C TYR A 289 3.24 2.83 -9.21
N GLY A 290 4.45 2.82 -9.77
CA GLY A 290 5.64 3.18 -9.02
C GLY A 290 5.58 4.58 -8.43
N ARG A 291 6.17 4.75 -7.26
CA ARG A 291 6.23 6.04 -6.58
C ARG A 291 4.88 6.68 -6.33
N SER A 292 3.90 5.88 -5.93
CA SER A 292 2.57 6.39 -5.66
C SER A 292 2.21 6.28 -4.19
N GLY A 293 3.18 6.58 -3.32
CA GLY A 293 2.92 6.68 -1.90
C GLY A 293 2.98 8.13 -1.46
N LEU A 294 2.62 8.39 -0.21
CA LEU A 294 2.72 9.74 0.33
C LEU A 294 4.18 10.22 0.34
N MET A 295 5.10 9.28 0.48
CA MET A 295 6.52 9.56 0.32
C MET A 295 7.19 8.34 -0.28
N THR A 296 8.49 8.46 -0.52
CA THR A 296 9.28 7.45 -1.21
C THR A 296 10.39 6.89 -0.33
N ALA A 297 10.49 5.57 -0.27
CA ALA A 297 11.58 4.89 0.43
C ALA A 297 11.86 3.57 -0.26
N GLN A 298 12.51 3.63 -1.40
CA GLN A 298 12.66 2.46 -2.23
C GLN A 298 14.14 2.04 -2.38
N GLU A 299 14.95 2.40 -1.39
CA GLU A 299 16.38 2.06 -1.43
C GLU A 299 16.94 1.72 -0.07
N PRO A 300 16.55 0.57 0.50
CA PRO A 300 17.13 0.21 1.79
C PRO A 300 18.67 -0.01 1.75
N TRP A 301 19.22 -0.41 0.62
CA TRP A 301 20.66 -0.60 0.50
C TRP A 301 21.44 0.70 0.69
N SER A 302 20.86 1.83 0.30
CA SER A 302 21.55 3.11 0.40
C SER A 302 21.05 3.94 1.57
N GLY A 303 19.79 3.76 1.95
CA GLY A 303 19.21 4.53 3.04
C GLY A 303 18.56 5.81 2.55
N HIS A 304 18.64 6.06 1.26
CA HIS A 304 18.02 7.23 0.66
C HIS A 304 16.49 7.15 0.66
N TYR A 305 15.83 8.20 1.15
CA TYR A 305 14.38 8.33 1.02
C TYR A 305 14.02 9.76 0.63
N VAL A 306 12.80 9.96 0.18
CA VAL A 306 12.37 11.29 -0.24
C VAL A 306 11.09 11.69 0.46
N VAL A 307 11.14 12.76 1.25
CA VAL A 307 9.95 13.28 1.89
C VAL A 307 9.18 14.13 0.89
N ALA A 308 8.30 13.47 0.13
CA ALA A 308 7.64 14.10 -1.01
C ALA A 308 6.52 15.04 -0.58
N SER A 309 6.17 15.97 -1.46
CA SER A 309 5.12 16.97 -1.20
C SER A 309 3.84 16.44 -0.50
N PRO A 310 3.35 15.25 -0.88
CA PRO A 310 2.10 14.81 -0.24
C PRO A 310 2.19 14.69 1.28
N ILE A 311 3.38 14.46 1.81
CA ILE A 311 3.58 14.44 3.24
C ILE A 311 3.13 15.75 3.89
N TRP A 312 3.46 16.87 3.26
CA TRP A 312 3.13 18.15 3.86
C TRP A 312 1.71 18.58 3.53
N VAL A 313 1.20 18.16 2.38
CA VAL A 313 -0.20 18.38 2.07
C VAL A 313 -1.08 17.74 3.16
N SER A 314 -0.72 16.54 3.59
CA SER A 314 -1.43 15.83 4.66
C SER A 314 -1.40 16.60 5.96
N ALA A 315 -0.22 17.14 6.25
CA ALA A 315 0.02 17.84 7.50
C ALA A 315 -0.93 19.03 7.68
N HIS A 316 -1.25 19.71 6.58
CA HIS A 316 -2.16 20.84 6.61
C HIS A 316 -3.52 20.48 7.18
N THR A 317 -3.88 19.21 7.13
CA THR A 317 -5.12 18.75 7.73
C THR A 317 -4.88 17.96 9.02
N THR A 318 -3.97 17.00 8.96
CA THR A 318 -3.82 16.05 10.06
C THR A 318 -3.28 16.64 11.34
N GLN A 319 -2.33 17.57 11.23
CA GLN A 319 -1.76 18.21 12.41
C GLN A 319 -2.77 19.08 13.13
N PHE A 320 -3.81 19.48 12.41
CA PHE A 320 -4.74 20.47 12.95
C PHE A 320 -6.16 19.96 13.08
N THR A 321 -6.37 18.68 12.78
CA THR A 321 -7.65 18.03 13.04
C THR A 321 -7.42 16.70 13.72
N GLN A 322 -8.45 16.19 14.38
CA GLN A 322 -8.42 14.83 14.94
C GLN A 322 -9.76 14.15 14.74
N PRO A 323 -9.76 12.81 14.63
CA PRO A 323 -11.02 12.07 14.65
C PRO A 323 -11.88 12.52 15.80
N GLY A 324 -13.15 12.80 15.56
CA GLY A 324 -14.01 13.25 16.63
C GLY A 324 -14.28 14.75 16.64
N TRP A 325 -13.50 15.52 15.88
CA TRP A 325 -13.88 16.89 15.54
C TRP A 325 -15.08 16.86 14.61
N TYR A 326 -15.77 17.99 14.47
CA TYR A 326 -16.90 18.11 13.55
C TYR A 326 -16.65 19.15 12.46
N TYR A 327 -17.09 18.87 11.25
CA TYR A 327 -17.13 19.86 10.19
C TYR A 327 -18.19 20.90 10.52
N LEU A 328 -17.95 22.14 10.13
CA LEU A 328 -18.99 23.15 10.22
C LEU A 328 -19.96 22.94 9.07
N LYS A 329 -21.17 23.47 9.19
CA LYS A 329 -22.09 23.43 8.07
C LYS A 329 -21.57 24.33 6.96
N THR A 330 -20.82 25.37 7.35
CA THR A 330 -20.35 26.37 6.40
C THR A 330 -19.03 25.98 5.77
N VAL A 331 -19.11 25.17 4.74
CA VAL A 331 -17.97 24.80 3.93
C VAL A 331 -18.40 24.94 2.49
N GLY A 332 -17.47 25.19 1.59
CA GLY A 332 -17.86 25.26 0.20
C GLY A 332 -16.73 25.61 -0.75
N HIS A 333 -17.12 25.92 -1.98
CA HIS A 333 -16.19 26.32 -3.01
C HIS A 333 -15.90 27.81 -2.96
N LEU A 334 -14.78 28.19 -3.55
CA LEU A 334 -14.42 29.59 -3.69
C LEU A 334 -14.94 30.09 -5.02
N GLU A 335 -15.36 31.35 -5.05
CA GLU A 335 -16.03 31.92 -6.22
C GLU A 335 -15.22 31.75 -7.50
N LYS A 336 -13.90 31.86 -7.41
CA LYS A 336 -13.06 31.81 -8.60
C LYS A 336 -12.19 30.56 -8.66
N GLY A 337 -12.64 29.49 -8.03
CA GLY A 337 -11.90 28.23 -8.04
C GLY A 337 -11.32 27.92 -6.67
N GLY A 338 -11.25 26.63 -6.36
CA GLY A 338 -10.73 26.19 -5.07
C GLY A 338 -11.83 26.03 -4.05
N SER A 339 -11.45 25.74 -2.82
CA SER A 339 -12.42 25.38 -1.79
C SER A 339 -11.91 25.64 -0.39
N TYR A 340 -12.79 25.47 0.59
CA TYR A 340 -12.43 25.67 1.98
C TYR A 340 -13.28 24.78 2.86
N VAL A 341 -12.68 24.23 3.91
CA VAL A 341 -13.45 23.58 4.95
C VAL A 341 -13.06 24.15 6.29
N ALA A 342 -13.92 23.96 7.28
CA ALA A 342 -13.62 24.40 8.63
C ALA A 342 -14.12 23.37 9.63
N LEU A 343 -13.37 23.21 10.72
CA LEU A 343 -13.69 22.21 11.72
C LEU A 343 -13.46 22.74 13.13
N THR A 344 -14.22 22.23 14.08
CA THR A 344 -14.03 22.57 15.49
C THR A 344 -14.02 21.32 16.35
N ASP A 345 -13.52 21.45 17.58
CA ASP A 345 -13.48 20.33 18.51
C ASP A 345 -14.50 20.45 19.65
N GLY A 346 -15.27 21.53 19.64
CA GLY A 346 -16.21 21.77 20.72
C GLY A 346 -15.53 22.25 22.00
N LEU A 347 -14.28 22.67 21.89
CA LEU A 347 -13.54 23.17 23.06
C LEU A 347 -13.09 24.60 22.83
N GLY A 348 -13.49 25.17 21.71
CA GLY A 348 -13.11 26.51 21.37
C GLY A 348 -12.05 26.60 20.30
N ASN A 349 -11.57 25.44 19.84
CA ASN A 349 -10.61 25.48 18.74
C ASN A 349 -11.32 25.52 17.39
N LEU A 350 -10.60 26.00 16.38
CA LEU A 350 -11.13 26.11 15.04
C LEU A 350 -10.01 25.98 14.02
N THR A 351 -10.20 25.13 13.02
CA THR A 351 -9.23 24.96 11.95
C THR A 351 -9.88 25.24 10.61
N ILE A 352 -9.19 25.99 9.77
CA ILE A 352 -9.70 26.36 8.46
C ILE A 352 -8.71 25.94 7.40
N ILE A 353 -9.16 25.13 6.44
CA ILE A 353 -8.23 24.63 5.43
C ILE A 353 -8.66 25.08 4.05
N ILE A 354 -7.76 25.76 3.36
CA ILE A 354 -8.08 26.36 2.07
C ILE A 354 -7.13 25.90 0.97
N GLU A 355 -7.72 25.53 -0.17
CA GLU A 355 -7.01 24.92 -1.29
C GLU A 355 -7.39 25.61 -2.59
N THR A 356 -6.41 25.91 -3.44
CA THR A 356 -6.71 26.50 -4.74
C THR A 356 -6.04 25.78 -5.88
N MET A 357 -6.03 24.45 -5.81
CA MET A 357 -5.38 23.63 -6.81
C MET A 357 -5.94 23.83 -8.21
N SER A 358 -5.03 24.07 -9.17
CA SER A 358 -5.43 24.24 -10.56
C SER A 358 -5.58 22.90 -11.24
N HIS A 359 -6.38 22.88 -12.30
CA HIS A 359 -6.64 21.66 -13.01
C HIS A 359 -5.38 20.97 -13.52
N GLN A 360 -4.48 21.74 -14.13
CA GLN A 360 -3.35 21.13 -14.80
C GLN A 360 -2.32 20.60 -13.79
N HIS A 361 -2.45 21.01 -12.53
CA HIS A 361 -1.51 20.62 -11.51
C HIS A 361 -2.10 19.77 -10.40
N SER A 362 -3.25 19.17 -10.64
CA SER A 362 -3.83 18.33 -9.62
C SER A 362 -4.61 17.14 -10.18
N MET A 363 -4.25 16.68 -11.37
CA MET A 363 -4.95 15.54 -11.94
C MET A 363 -4.65 14.26 -11.17
N CYS A 364 -5.70 13.57 -10.74
CA CYS A 364 -5.58 12.21 -10.23
C CYS A 364 -5.71 11.24 -11.40
N ILE A 365 -5.24 10.01 -11.22
CA ILE A 365 -5.37 9.05 -12.31
C ILE A 365 -6.80 8.57 -12.46
N ARG A 366 -7.58 8.65 -11.38
CA ARG A 366 -8.89 8.03 -11.33
C ARG A 366 -9.84 8.81 -10.43
N PRO A 367 -10.76 9.61 -11.02
CA PRO A 367 -10.94 9.88 -12.44
C PRO A 367 -10.22 11.14 -12.90
N TYR A 368 -10.20 11.35 -14.21
CA TYR A 368 -9.62 12.54 -14.79
C TYR A 368 -10.72 13.62 -14.93
N LEU A 369 -10.56 14.74 -14.21
CA LEU A 369 -11.56 15.81 -14.23
C LEU A 369 -11.55 16.63 -15.50
N PRO A 370 -12.73 16.94 -16.02
CA PRO A 370 -12.81 17.97 -17.07
C PRO A 370 -12.25 19.28 -16.56
N TYR A 371 -11.68 20.06 -17.46
CA TYR A 371 -11.10 21.35 -17.13
C TYR A 371 -12.01 22.21 -16.25
N TYR A 372 -11.40 22.81 -15.24
CA TYR A 372 -12.03 23.85 -14.45
C TYR A 372 -10.99 24.94 -14.32
N ASN A 373 -11.46 26.15 -14.07
CA ASN A 373 -10.61 27.32 -14.06
C ASN A 373 -10.32 27.77 -12.65
N VAL A 374 -9.09 28.21 -12.41
CA VAL A 374 -8.74 28.84 -11.14
C VAL A 374 -7.95 30.12 -11.41
N SER A 375 -8.32 31.20 -10.75
CA SER A 375 -7.62 32.47 -10.92
C SER A 375 -7.50 33.19 -9.59
N HIS A 376 -6.74 34.27 -9.57
CA HIS A 376 -6.45 35.00 -8.33
C HIS A 376 -7.73 35.56 -7.74
N GLN A 377 -7.83 35.51 -6.42
CA GLN A 377 -8.99 36.08 -5.77
C GLN A 377 -8.66 36.54 -4.36
N LEU A 378 -9.64 37.15 -3.72
CA LEU A 378 -9.53 37.54 -2.34
C LEU A 378 -10.71 36.97 -1.60
N ALA A 379 -10.45 36.41 -0.43
CA ALA A 379 -11.52 35.80 0.32
C ALA A 379 -11.66 36.49 1.66
N THR A 380 -12.88 36.91 1.96
CA THR A 380 -13.15 37.49 3.25
C THR A 380 -13.87 36.47 4.09
N PHE A 381 -13.34 36.19 5.27
CA PHE A 381 -14.02 35.25 6.16
C PHE A 381 -14.51 35.97 7.39
N THR A 382 -15.73 35.68 7.79
CA THR A 382 -16.30 36.28 8.98
C THR A 382 -16.76 35.20 9.93
N LEU A 383 -16.29 35.28 11.17
CA LEU A 383 -16.64 34.31 12.17
C LEU A 383 -17.91 34.73 12.90
N LYS A 384 -18.97 33.95 12.78
CA LYS A 384 -20.20 34.17 13.52
C LYS A 384 -20.34 33.10 14.60
N GLY A 385 -21.45 33.12 15.31
CA GLY A 385 -21.68 32.18 16.40
C GLY A 385 -20.57 32.20 17.43
N SER A 386 -20.29 31.05 18.02
CA SER A 386 -19.27 30.95 19.06
C SER A 386 -17.86 31.20 18.54
N LEU A 387 -17.73 31.44 17.24
CA LEU A 387 -16.42 31.58 16.62
C LEU A 387 -15.92 33.02 16.66
N ARG A 388 -16.87 33.95 16.78
CA ARG A 388 -16.57 35.39 16.72
C ARG A 388 -15.62 35.84 17.82
N GLU A 389 -15.62 35.11 18.92
CA GLU A 389 -14.80 35.45 20.08
C GLU A 389 -13.30 35.17 19.86
N ILE A 390 -12.98 34.55 18.73
CA ILE A 390 -11.59 34.25 18.39
C ILE A 390 -10.87 35.49 17.88
N GLN A 391 -9.70 35.79 18.41
CA GLN A 391 -8.96 36.98 18.00
C GLN A 391 -7.57 36.67 17.45
N GLU A 392 -7.23 35.38 17.41
CA GLU A 392 -5.90 34.97 17.00
C GLU A 392 -5.95 33.67 16.21
N LEU A 393 -5.16 33.60 15.15
CA LEU A 393 -5.07 32.41 14.31
C LEU A 393 -3.65 32.20 13.85
N GLN A 394 -3.15 30.98 14.02
CA GLN A 394 -1.84 30.63 13.49
C GLN A 394 -1.99 30.30 12.02
N VAL A 395 -0.96 30.55 11.24
CA VAL A 395 -1.05 30.41 9.80
C VAL A 395 0.03 29.51 9.23
N TRP A 396 -0.38 28.54 8.40
CA TRP A 396 0.54 27.63 7.75
C TRP A 396 0.28 27.63 6.26
N TYR A 397 1.36 27.65 5.46
CA TYR A 397 1.22 27.88 4.04
C TYR A 397 2.10 27.00 3.17
N THR A 398 1.53 26.52 2.07
CA THR A 398 2.28 25.73 1.12
C THR A 398 2.02 26.23 -0.29
N LYS A 399 3.07 26.31 -1.10
CA LYS A 399 2.92 26.65 -2.51
C LYS A 399 3.52 25.54 -3.35
N LEU A 400 2.67 24.87 -4.13
CA LEU A 400 3.12 23.72 -4.91
C LEU A 400 3.71 24.15 -6.23
N GLY A 401 4.88 23.61 -6.55
CA GLY A 401 5.69 24.07 -7.66
C GLY A 401 5.14 23.73 -9.03
N GLN A 405 11.52 26.87 -6.46
CA GLN A 405 10.26 26.45 -7.06
C GLN A 405 9.11 26.46 -6.05
N ARG A 406 8.97 25.36 -5.32
CA ARG A 406 7.91 25.19 -4.34
C ARG A 406 8.27 25.75 -2.97
N LEU A 407 7.38 25.54 -2.01
CA LEU A 407 7.54 26.05 -0.64
C LEU A 407 6.58 25.28 0.27
N HIS A 408 7.12 24.47 1.18
CA HIS A 408 6.32 23.47 1.87
C HIS A 408 6.09 23.75 3.36
N PHE A 409 4.82 23.78 3.75
CA PHE A 409 4.40 23.83 5.16
C PHE A 409 5.18 24.87 5.97
N LYS A 410 5.44 26.02 5.36
CA LYS A 410 6.11 27.13 6.05
C LYS A 410 5.11 27.86 6.93
N GLN A 411 5.54 28.24 8.13
CA GLN A 411 4.66 28.96 9.04
C GLN A 411 4.76 30.46 8.78
N LEU A 412 3.61 31.10 8.62
CA LEU A 412 3.57 32.54 8.39
C LEU A 412 3.22 33.26 9.67
N ASP A 413 3.28 34.59 9.60
CA ASP A 413 2.99 35.44 10.74
C ASP A 413 1.56 35.29 11.22
N THR A 414 1.41 35.22 12.54
CA THR A 414 0.10 35.15 13.17
C THR A 414 -0.85 36.22 12.67
N LEU A 415 -2.11 35.85 12.45
CA LEU A 415 -3.12 36.79 12.00
C LEU A 415 -4.01 37.18 13.17
N TRP A 416 -4.27 38.49 13.29
CA TRP A 416 -5.01 39.01 14.43
C TRP A 416 -6.33 39.62 14.04
N LEU A 417 -7.32 39.46 14.92
CA LEU A 417 -8.67 39.93 14.65
C LEU A 417 -9.09 40.93 15.71
N LEU A 418 -8.18 41.86 16.00
CA LEU A 418 -8.34 42.86 17.03
C LEU A 418 -9.64 43.64 16.87
N ASP A 419 -10.05 43.80 15.62
CA ASP A 419 -11.19 44.62 15.23
C ASP A 419 -12.45 44.39 16.08
N GLY A 420 -12.74 43.14 16.40
CA GLY A 420 -14.03 42.80 16.96
C GLY A 420 -14.95 42.56 15.78
N SER A 421 -14.36 42.61 14.59
CA SER A 421 -15.06 42.35 13.34
C SER A 421 -15.30 40.86 13.18
N GLY A 422 -14.44 40.06 13.79
CA GLY A 422 -14.46 38.63 13.60
C GLY A 422 -14.21 38.31 12.15
N SER A 423 -13.45 39.18 11.49
CA SER A 423 -13.26 39.05 10.05
C SER A 423 -11.85 39.35 9.59
N PHE A 424 -11.48 38.71 8.48
CA PHE A 424 -10.16 38.87 7.89
C PHE A 424 -10.20 38.53 6.42
N THR A 425 -9.13 38.85 5.71
CA THR A 425 -9.11 38.69 4.26
C THR A 425 -7.75 38.16 3.75
N LEU A 426 -7.79 37.27 2.76
CA LEU A 426 -6.57 36.69 2.20
C LEU A 426 -6.49 36.93 0.68
N GLU A 427 -5.28 37.15 0.18
CA GLU A 427 -5.08 37.13 -1.26
C GLU A 427 -4.60 35.75 -1.68
N LEU A 428 -5.38 35.08 -2.51
CA LEU A 428 -5.07 33.73 -2.92
C LEU A 428 -4.61 33.69 -4.37
N GLU A 429 -3.63 32.85 -4.64
CA GLU A 429 -3.23 32.59 -6.02
C GLU A 429 -3.57 31.12 -6.29
N GLU A 430 -3.00 30.53 -7.34
CA GLU A 430 -3.34 29.14 -7.62
C GLU A 430 -2.30 28.18 -7.05
N ASP A 431 -2.74 26.95 -6.81
CA ASP A 431 -1.89 25.89 -6.30
C ASP A 431 -1.33 26.19 -4.92
N GLU A 432 -2.15 26.79 -4.07
CA GLU A 432 -1.74 27.11 -2.70
C GLU A 432 -2.61 26.39 -1.66
N ILE A 433 -2.06 26.21 -0.46
CA ILE A 433 -2.84 25.71 0.67
C ILE A 433 -2.61 26.60 1.88
N PHE A 434 -3.68 26.96 2.56
CA PHE A 434 -3.59 27.72 3.80
C PHE A 434 -4.28 26.96 4.92
N THR A 435 -3.67 26.89 6.08
CA THR A 435 -4.36 26.36 7.24
C THR A 435 -4.34 27.39 8.36
N LEU A 436 -5.52 27.80 8.79
CA LEU A 436 -5.66 28.79 9.84
C LEU A 436 -6.28 28.13 11.05
N THR A 437 -5.55 28.08 12.14
CA THR A 437 -5.99 27.32 13.29
C THR A 437 -5.69 28.03 14.60
N THR A 438 -6.53 27.78 15.60
CA THR A 438 -6.28 28.29 16.93
C THR A 438 -5.21 27.44 17.63
N LEU A 439 -4.89 26.29 17.04
CA LEU A 439 -3.96 25.35 17.64
C LEU A 439 -2.53 25.82 17.46
N THR A 440 -1.72 25.63 18.50
CA THR A 440 -0.36 26.13 18.52
C THR A 440 0.70 25.04 18.41
N THR A 441 0.26 23.81 18.13
CA THR A 441 1.15 22.66 18.21
C THR A 441 1.78 22.27 16.88
N GLY A 442 1.47 23.02 15.84
CA GLY A 442 1.98 22.69 14.52
C GLY A 442 3.49 22.62 14.50
N ARG A 443 4.04 21.83 13.58
CA ARG A 443 5.49 21.75 13.45
C ARG A 443 5.90 21.08 12.14
N LYS A 444 6.80 21.71 11.41
CA LYS A 444 7.43 21.04 10.29
C LYS A 444 8.62 20.23 10.79
N GLY A 445 8.35 18.97 11.11
CA GLY A 445 9.37 18.05 11.58
C GLY A 445 10.51 17.95 10.60
N SER A 446 11.71 17.74 11.13
CA SER A 446 12.90 17.72 10.29
C SER A 446 13.95 16.77 10.81
N TYR A 447 14.48 15.95 9.90
CA TYR A 447 15.69 15.21 10.17
C TYR A 447 16.71 15.65 9.15
N PRO A 448 17.99 15.43 9.42
CA PRO A 448 19.00 15.79 8.44
C PRO A 448 18.80 15.00 7.17
N PRO A 449 19.33 15.49 6.03
CA PRO A 449 19.16 14.74 4.78
C PRO A 449 19.75 13.35 4.90
N PRO A 450 19.12 12.37 4.24
CA PRO A 450 19.59 10.99 4.25
C PRO A 450 20.60 10.82 3.12
N PRO A 451 21.34 9.69 3.09
CA PRO A 451 22.34 9.43 2.05
C PRO A 451 21.79 9.62 0.65
N SER A 452 22.67 9.93 -0.31
CA SER A 452 22.26 10.12 -1.69
C SER A 452 21.70 8.83 -2.28
N SER A 453 20.95 8.96 -3.36
CA SER A 453 20.43 7.78 -4.03
C SER A 453 21.57 7.03 -4.68
N LYS A 454 21.48 5.70 -4.64
CA LYS A 454 22.45 4.83 -5.27
C LYS A 454 21.72 3.66 -5.90
N PRO A 455 22.23 3.13 -7.01
CA PRO A 455 21.63 1.96 -7.63
C PRO A 455 21.76 0.72 -6.75
N PHE A 456 20.95 -0.29 -7.03
CA PHE A 456 21.12 -1.59 -6.40
C PHE A 456 22.55 -2.07 -6.65
N PRO A 457 23.18 -2.65 -5.62
CA PRO A 457 24.57 -3.13 -5.73
C PRO A 457 24.80 -4.05 -6.94
N THR A 458 25.85 -3.79 -7.71
CA THR A 458 26.11 -4.56 -8.92
C THR A 458 26.65 -5.95 -8.60
N ASN A 459 27.14 -6.10 -7.38
CA ASN A 459 27.47 -7.40 -6.85
C ASN A 459 26.63 -7.62 -5.61
N TYR A 460 26.01 -8.80 -5.47
CA TYR A 460 25.10 -9.02 -4.36
C TYR A 460 24.92 -10.49 -4.06
N LYS A 461 24.84 -10.82 -2.78
CA LYS A 461 24.78 -12.21 -2.37
C LYS A 461 23.93 -12.40 -1.13
N ASP A 462 23.26 -13.54 -1.05
CA ASP A 462 22.62 -13.93 0.19
C ASP A 462 22.66 -15.44 0.39
N ASP A 463 23.17 -15.85 1.54
CA ASP A 463 23.30 -17.26 1.87
C ASP A 463 22.19 -17.67 2.81
N PHE A 464 21.32 -16.72 3.13
CA PHE A 464 20.13 -16.92 3.95
C PHE A 464 20.42 -17.51 5.33
N ASN A 465 21.66 -17.41 5.77
CA ASN A 465 22.03 -17.99 7.06
C ASN A 465 21.68 -17.07 8.22
N VAL A 466 20.43 -17.14 8.64
CA VAL A 466 19.92 -16.37 9.76
C VAL A 466 19.03 -17.29 10.58
N GLU A 467 19.40 -17.53 11.82
CA GLU A 467 18.69 -18.51 12.63
C GLU A 467 17.40 -17.97 13.20
N TYR A 468 17.43 -16.73 13.68
CA TYR A 468 16.23 -16.09 14.21
C TYR A 468 15.90 -14.79 13.48
N PRO A 469 15.48 -14.90 12.21
CA PRO A 469 15.24 -13.70 11.41
C PRO A 469 14.19 -12.78 11.99
N LEU A 470 14.38 -11.49 11.83
CA LEU A 470 13.42 -10.52 12.34
C LEU A 470 12.14 -10.53 11.50
N PHE A 471 12.29 -10.75 10.20
CA PHE A 471 11.16 -10.89 9.29
C PHE A 471 11.16 -12.25 8.59
N SER A 472 9.99 -12.69 8.12
CA SER A 472 9.84 -14.05 7.61
C SER A 472 10.49 -14.29 6.26
N GLU A 473 10.89 -13.24 5.57
CA GLU A 473 11.54 -13.38 4.27
C GLU A 473 12.82 -12.57 4.16
N ALA A 474 13.77 -13.07 3.38
CA ALA A 474 15.02 -12.36 3.11
C ALA A 474 14.75 -11.00 2.44
N PRO A 475 15.59 -10.00 2.74
CA PRO A 475 15.46 -8.64 2.22
C PRO A 475 15.51 -8.56 0.71
N ASN A 476 14.81 -7.58 0.14
CA ASN A 476 14.90 -7.26 -1.29
C ASN A 476 14.29 -8.27 -2.25
N PHE A 477 13.99 -9.47 -1.78
CA PHE A 477 13.25 -10.42 -2.60
C PHE A 477 11.78 -10.05 -2.61
N ALA A 478 11.27 -9.58 -3.74
CA ALA A 478 9.85 -9.25 -3.83
C ALA A 478 9.06 -10.31 -4.57
N ASP A 479 8.31 -11.11 -3.82
CA ASP A 479 7.46 -12.15 -4.40
C ASP A 479 6.36 -11.58 -5.31
N GLN A 480 6.25 -12.11 -6.52
CA GLN A 480 5.22 -11.66 -7.47
C GLN A 480 4.22 -12.76 -7.79
N THR A 481 4.56 -13.99 -7.42
CA THR A 481 3.59 -15.08 -7.37
C THR A 481 4.20 -16.14 -6.47
N GLY A 482 3.38 -16.71 -5.61
CA GLY A 482 3.88 -17.58 -4.57
C GLY A 482 4.45 -16.79 -3.41
N VAL A 483 4.94 -17.51 -2.41
CA VAL A 483 5.46 -16.91 -1.21
C VAL A 483 6.78 -17.59 -0.80
N PHE A 484 7.82 -16.79 -0.61
CA PHE A 484 9.14 -17.30 -0.31
C PHE A 484 9.52 -16.93 1.12
N GLU A 485 10.06 -17.88 1.87
CA GLU A 485 10.29 -17.71 3.30
C GLU A 485 11.63 -18.29 3.76
N TYR A 486 12.19 -17.70 4.80
CA TYR A 486 13.33 -18.30 5.48
C TYR A 486 12.96 -19.71 5.94
N TYR A 487 13.83 -20.67 5.65
CA TYR A 487 13.56 -22.04 6.05
C TYR A 487 14.75 -22.68 6.78
N MET A 488 14.48 -23.26 7.94
CA MET A 488 15.51 -23.98 8.67
C MET A 488 15.28 -25.47 8.59
N ASN A 489 16.27 -26.20 8.07
CA ASN A 489 16.22 -27.64 8.01
C ASN A 489 17.35 -28.25 8.85
N ASN A 490 17.03 -28.64 10.08
CA ASN A 490 18.05 -29.14 10.99
C ASN A 490 18.70 -30.43 10.52
N GLU A 491 18.00 -31.16 9.66
CA GLU A 491 18.48 -32.45 9.19
C GLU A 491 19.58 -32.34 8.14
N ASP A 492 19.93 -31.11 7.78
CA ASP A 492 20.98 -30.88 6.80
C ASP A 492 22.02 -29.94 7.38
N ARG A 493 23.28 -30.14 6.99
CA ARG A 493 24.37 -29.31 7.47
C ARG A 493 24.72 -28.18 6.51
N GLU A 494 24.94 -28.51 5.23
CA GLU A 494 25.35 -27.51 4.25
C GLU A 494 24.22 -26.55 3.90
N HIS A 495 23.01 -27.08 3.89
CA HIS A 495 21.84 -26.29 3.54
C HIS A 495 20.84 -26.25 4.71
N ARG A 496 21.32 -25.83 5.87
CA ARG A 496 20.46 -25.79 7.04
C ARG A 496 19.54 -24.59 6.98
N PHE A 497 20.02 -23.52 6.37
CA PHE A 497 19.28 -22.27 6.29
C PHE A 497 19.08 -21.86 4.85
N THR A 498 17.87 -22.04 4.34
CA THR A 498 17.59 -21.78 2.94
C THR A 498 16.39 -20.84 2.74
N LEU A 499 16.08 -20.55 1.48
CA LEU A 499 14.85 -19.85 1.13
C LEU A 499 13.90 -20.82 0.45
N ARG A 500 12.64 -20.85 0.90
CA ARG A 500 11.68 -21.83 0.44
C ARG A 500 10.37 -21.22 -0.09
N GLN A 501 9.92 -21.67 -1.26
CA GLN A 501 8.58 -21.39 -1.73
C GLN A 501 7.59 -22.28 -1.01
N VAL A 502 6.64 -21.68 -0.30
CA VAL A 502 5.79 -22.43 0.59
C VAL A 502 4.32 -22.63 0.17
N LEU A 503 3.89 -22.13 -0.97
CA LEU A 503 2.53 -22.40 -1.40
C LEU A 503 2.43 -23.73 -2.14
N ASN A 504 1.43 -24.54 -1.81
CA ASN A 504 1.21 -25.79 -2.53
C ASN A 504 -0.09 -25.79 -3.34
N GLN A 505 -0.75 -24.65 -3.42
CA GLN A 505 -1.86 -24.46 -4.35
C GLN A 505 -2.14 -22.99 -4.60
N ARG A 506 -2.66 -22.72 -5.79
CA ARG A 506 -3.03 -21.40 -6.22
C ARG A 506 -4.03 -20.78 -5.24
N PRO A 507 -3.79 -19.54 -4.84
CA PRO A 507 -4.69 -18.80 -3.96
C PRO A 507 -6.03 -18.49 -4.60
N ILE A 508 -7.03 -18.12 -3.79
CA ILE A 508 -8.20 -17.41 -4.32
C ILE A 508 -7.69 -16.05 -4.76
N THR A 509 -7.47 -15.89 -6.04
CA THR A 509 -6.72 -14.76 -6.56
C THR A 509 -7.52 -13.46 -6.65
N TRP A 510 -6.79 -12.36 -6.54
CA TRP A 510 -7.31 -11.03 -6.74
C TRP A 510 -6.94 -10.59 -8.15
N ALA A 511 -5.64 -10.66 -8.44
CA ALA A 511 -5.11 -10.37 -9.77
C ALA A 511 -4.93 -11.65 -10.55
N ALA A 512 -4.31 -11.57 -11.71
CA ALA A 512 -3.99 -12.76 -12.47
C ALA A 512 -2.57 -13.27 -12.15
N ASP A 513 -2.44 -13.97 -11.02
CA ASP A 513 -1.18 -14.62 -10.67
C ASP A 513 -0.68 -15.48 -11.82
N ALA A 514 0.64 -15.56 -11.95
CA ALA A 514 1.27 -16.45 -12.91
C ALA A 514 0.96 -17.92 -12.59
N SER A 515 1.23 -18.80 -13.55
CA SER A 515 1.16 -20.24 -13.32
C SER A 515 2.35 -20.71 -12.52
N SER A 516 3.43 -19.96 -12.60
CA SER A 516 4.67 -20.27 -11.92
C SER A 516 4.92 -19.27 -10.81
N THR A 517 5.57 -19.70 -9.73
CA THR A 517 5.94 -18.78 -8.68
C THR A 517 7.22 -18.04 -9.09
N ILE A 518 7.42 -16.84 -8.55
CA ILE A 518 8.57 -16.04 -8.92
C ILE A 518 8.78 -14.92 -7.91
N SER A 519 10.04 -14.65 -7.59
CA SER A 519 10.40 -13.53 -6.75
C SER A 519 11.48 -12.74 -7.47
N VAL A 520 11.35 -11.41 -7.52
CA VAL A 520 12.31 -10.63 -8.28
C VAL A 520 13.16 -9.80 -7.34
N ILE A 521 14.33 -9.39 -7.82
CA ILE A 521 15.28 -8.67 -6.99
C ILE A 521 16.23 -7.87 -7.86
N GLY A 522 16.68 -6.73 -7.37
CA GLY A 522 17.77 -6.03 -8.02
C GLY A 522 17.42 -4.72 -8.69
N ASP A 523 18.01 -4.49 -9.85
CA ASP A 523 17.90 -3.25 -10.57
C ASP A 523 17.25 -3.52 -11.93
N HIS A 524 16.07 -2.96 -12.16
CA HIS A 524 15.34 -3.14 -13.40
C HIS A 524 16.15 -2.66 -14.61
N HIS A 525 17.12 -1.79 -14.38
CA HIS A 525 17.95 -1.29 -15.46
C HIS A 525 19.00 -2.29 -15.92
N TRP A 526 19.32 -3.27 -15.07
CA TRP A 526 20.31 -4.30 -15.39
C TRP A 526 20.04 -4.91 -16.73
N THR A 527 21.08 -5.02 -17.55
CA THR A 527 20.91 -5.61 -18.87
C THR A 527 21.92 -6.74 -19.12
N ASN A 528 23.12 -6.61 -18.58
CA ASN A 528 24.10 -7.70 -18.63
C ASN A 528 24.32 -8.25 -17.23
N MET A 529 24.21 -9.55 -17.06
CA MET A 529 24.26 -10.07 -15.71
C MET A 529 24.54 -11.55 -15.65
N THR A 530 25.02 -11.98 -14.49
CA THR A 530 25.20 -13.38 -14.19
C THR A 530 24.49 -13.67 -12.90
N VAL A 531 23.61 -14.66 -12.95
CA VAL A 531 22.81 -15.03 -11.78
C VAL A 531 23.15 -16.45 -11.40
N GLN A 532 23.39 -16.65 -10.12
CA GLN A 532 23.70 -17.98 -9.64
C GLN A 532 22.92 -18.29 -8.37
N CYS A 533 22.51 -19.54 -8.22
CA CYS A 533 21.76 -19.97 -7.05
C CYS A 533 21.80 -21.50 -6.93
N ASP A 534 21.75 -22.00 -5.71
CA ASP A 534 21.55 -23.43 -5.49
C ASP A 534 20.05 -23.69 -5.40
N VAL A 535 19.57 -24.74 -6.05
CA VAL A 535 18.14 -25.02 -6.05
C VAL A 535 17.83 -26.47 -5.69
N TYR A 536 16.68 -26.69 -5.07
CA TYR A 536 16.28 -27.99 -4.58
C TYR A 536 14.81 -28.21 -4.91
N ILE A 537 14.53 -29.24 -5.70
CA ILE A 537 13.18 -29.54 -6.16
C ILE A 537 12.54 -30.61 -5.28
N GLU A 538 11.47 -30.27 -4.59
CA GLU A 538 10.93 -31.19 -3.59
C GLU A 538 9.95 -32.22 -4.15
N THR A 539 9.38 -31.97 -5.33
CA THR A 539 8.37 -32.87 -5.90
C THR A 539 8.93 -33.80 -6.97
N PRO A 540 8.91 -35.12 -6.71
CA PRO A 540 9.41 -36.13 -7.63
C PRO A 540 8.74 -36.10 -9.00
N ARG A 541 9.51 -36.38 -10.05
CA ARG A 541 9.01 -36.51 -11.42
C ARG A 541 8.49 -35.20 -12.03
N SER A 542 7.56 -34.53 -11.36
CA SER A 542 6.85 -33.42 -11.96
C SER A 542 7.40 -32.04 -11.62
N GLY A 543 8.24 -31.96 -10.59
CA GLY A 543 8.71 -30.68 -10.07
C GLY A 543 9.71 -29.96 -10.98
N GLY A 544 9.86 -28.66 -10.77
CA GLY A 544 10.80 -27.87 -11.55
C GLY A 544 11.00 -26.48 -10.98
N VAL A 545 12.15 -25.89 -11.27
CA VAL A 545 12.50 -24.58 -10.76
C VAL A 545 13.23 -23.79 -11.83
N PHE A 546 13.50 -22.52 -11.58
CA PHE A 546 14.27 -21.73 -12.51
C PHE A 546 15.04 -20.59 -11.84
N ILE A 547 15.96 -20.02 -12.59
CA ILE A 547 16.54 -18.73 -12.26
C ILE A 547 16.42 -17.90 -13.54
N ALA A 548 16.52 -16.58 -13.42
CA ALA A 548 16.25 -15.74 -14.57
C ALA A 548 16.81 -14.34 -14.45
N GLY A 549 16.98 -13.68 -15.59
CA GLY A 549 17.37 -12.29 -15.62
C GLY A 549 16.61 -11.54 -16.69
N ARG A 550 16.77 -10.22 -16.68
CA ARG A 550 16.07 -9.32 -17.59
C ARG A 550 14.55 -9.43 -17.46
N VAL A 551 14.07 -9.71 -16.25
CA VAL A 551 12.63 -9.82 -16.04
C VAL A 551 12.00 -8.43 -16.01
N ASN A 552 11.17 -8.12 -17.01
CA ASN A 552 10.80 -6.73 -17.28
C ASN A 552 9.50 -6.25 -16.64
N LYS A 553 8.64 -7.16 -16.21
CA LYS A 553 7.37 -6.79 -15.61
C LYS A 553 7.09 -7.58 -14.36
N GLY A 554 6.31 -7.03 -13.45
CA GLY A 554 5.83 -7.80 -12.32
C GLY A 554 4.51 -7.26 -11.86
N GLY A 555 4.19 -7.52 -10.60
CA GLY A 555 2.97 -7.03 -10.00
C GLY A 555 1.72 -7.55 -10.66
N ILE A 556 0.78 -6.65 -10.89
CA ILE A 556 -0.48 -7.00 -11.51
C ILE A 556 -0.26 -7.58 -12.92
N LEU A 557 0.88 -7.25 -13.52
CA LEU A 557 1.22 -7.73 -14.85
C LEU A 557 2.17 -8.92 -14.88
N ILE A 558 2.39 -9.57 -13.74
CA ILE A 558 3.43 -10.58 -13.64
C ILE A 558 3.31 -11.66 -14.71
N ARG A 559 2.09 -11.97 -15.15
CA ARG A 559 1.90 -12.92 -16.24
C ARG A 559 2.53 -12.46 -17.56
N SER A 560 2.71 -11.16 -17.71
CA SER A 560 3.28 -10.58 -18.92
C SER A 560 4.81 -10.69 -18.99
N ALA A 561 5.43 -11.13 -17.91
CA ALA A 561 6.88 -10.99 -17.72
C ALA A 561 7.69 -11.72 -18.78
N THR A 562 8.60 -11.02 -19.43
CA THR A 562 9.53 -11.64 -20.34
C THR A 562 10.94 -11.49 -19.78
N GLY A 563 11.90 -12.14 -20.42
CA GLY A 563 13.27 -12.14 -19.95
C GLY A 563 14.00 -13.38 -20.42
N VAL A 564 14.98 -13.85 -19.65
CA VAL A 564 15.62 -15.10 -19.97
C VAL A 564 15.43 -16.04 -18.79
N PHE A 565 14.69 -17.12 -19.01
CA PHE A 565 14.35 -18.02 -17.92
C PHE A 565 15.02 -19.37 -18.12
N PHE A 566 15.77 -19.82 -17.12
CA PHE A 566 16.55 -21.06 -17.17
C PHE A 566 15.91 -22.07 -16.24
N TRP A 567 15.18 -23.03 -16.80
CA TRP A 567 14.44 -24.00 -16.02
C TRP A 567 15.14 -25.34 -15.98
N ILE A 568 15.09 -26.02 -14.84
CA ILE A 568 15.38 -27.46 -14.83
C ILE A 568 14.21 -28.20 -14.21
N PHE A 569 13.99 -29.43 -14.66
CA PHE A 569 12.87 -30.23 -14.22
C PHE A 569 13.33 -31.57 -13.68
N ALA A 570 12.55 -32.12 -12.76
CA ALA A 570 12.93 -33.32 -12.05
C ALA A 570 12.76 -34.58 -12.89
N ASN A 571 12.36 -34.40 -14.14
CA ASN A 571 12.23 -35.52 -15.05
C ASN A 571 13.47 -35.64 -15.94
N GLY A 572 14.52 -34.91 -15.59
CA GLY A 572 15.76 -34.95 -16.34
C GLY A 572 15.70 -34.11 -17.59
N SER A 573 15.36 -32.84 -17.43
CA SER A 573 15.16 -31.98 -18.58
C SER A 573 15.44 -30.53 -18.26
N TYR A 574 15.68 -29.71 -19.28
CA TYR A 574 15.83 -28.27 -19.08
C TYR A 574 15.21 -27.49 -20.23
N ARG A 575 14.98 -26.20 -19.99
CA ARG A 575 14.31 -25.32 -20.92
C ARG A 575 14.88 -23.94 -20.77
N VAL A 576 14.98 -23.21 -21.89
CA VAL A 576 15.31 -21.81 -21.84
C VAL A 576 14.21 -21.03 -22.57
N THR A 577 13.52 -20.14 -21.85
CA THR A 577 12.38 -19.45 -22.44
C THR A 577 12.51 -17.93 -22.34
N ALA A 578 11.82 -17.23 -23.24
CA ALA A 578 11.81 -15.78 -23.22
C ALA A 578 10.75 -15.23 -22.28
N ASP A 579 9.83 -16.08 -21.84
CA ASP A 579 8.69 -15.62 -21.03
C ASP A 579 8.46 -16.50 -19.82
N LEU A 580 7.88 -15.91 -18.77
CA LEU A 580 7.56 -16.64 -17.57
C LEU A 580 6.58 -17.77 -17.84
N GLY A 581 5.71 -17.56 -18.81
CA GLY A 581 4.71 -18.56 -19.16
C GLY A 581 5.27 -19.70 -19.97
N GLY A 582 6.55 -19.60 -20.35
CA GLY A 582 7.20 -20.66 -21.10
C GLY A 582 6.63 -21.00 -22.47
N TRP A 583 5.98 -20.03 -23.10
CA TRP A 583 5.44 -20.25 -24.43
C TRP A 583 6.51 -20.16 -25.52
N ILE A 584 7.58 -19.41 -25.25
CA ILE A 584 8.58 -19.12 -26.26
C ILE A 584 9.95 -19.72 -25.94
N THR A 585 10.47 -20.52 -26.86
CA THR A 585 11.70 -21.27 -26.62
C THR A 585 12.96 -20.64 -27.22
N TYR A 586 13.98 -20.51 -26.39
CA TYR A 586 15.31 -20.16 -26.85
C TYR A 586 16.15 -21.43 -27.03
N ALA A 587 15.99 -22.37 -26.11
CA ALA A 587 16.74 -23.64 -26.14
C ALA A 587 16.12 -24.65 -25.19
N SER A 588 16.43 -25.92 -25.39
CA SER A 588 15.90 -26.98 -24.53
C SER A 588 16.63 -28.31 -24.75
N GLY A 589 16.58 -29.20 -23.77
CA GLY A 589 17.24 -30.50 -23.88
C GLY A 589 17.20 -31.32 -22.60
N HIS A 590 18.09 -32.30 -22.51
CA HIS A 590 18.16 -33.17 -21.34
C HIS A 590 19.20 -32.71 -20.34
N ALA A 591 19.00 -33.07 -19.08
CA ALA A 591 19.95 -32.74 -18.04
C ALA A 591 19.92 -33.80 -16.96
N ASP A 592 21.07 -34.03 -16.33
CA ASP A 592 21.14 -34.96 -15.21
C ASP A 592 20.53 -34.33 -13.98
N VAL A 593 19.21 -34.28 -13.93
CA VAL A 593 18.52 -33.61 -12.86
C VAL A 593 17.40 -34.48 -12.31
N THR A 594 17.35 -34.62 -10.99
CA THR A 594 16.29 -35.36 -10.32
C THR A 594 15.70 -34.53 -9.18
N ALA A 595 14.73 -35.07 -8.46
CA ALA A 595 14.18 -34.37 -7.30
C ALA A 595 15.00 -34.67 -6.06
N LYS A 596 14.90 -33.80 -5.06
CA LYS A 596 15.52 -34.00 -3.77
C LYS A 596 17.04 -34.06 -3.84
N ARG A 597 17.62 -33.33 -4.79
CA ARG A 597 19.06 -33.16 -4.82
C ARG A 597 19.38 -31.72 -5.10
N TRP A 598 20.39 -31.21 -4.42
CA TRP A 598 20.87 -29.85 -4.62
C TRP A 598 21.71 -29.67 -5.89
N TYR A 599 21.32 -28.75 -6.75
CA TYR A 599 22.12 -28.41 -7.91
C TYR A 599 22.47 -26.95 -7.85
N THR A 600 23.54 -26.55 -8.53
CA THR A 600 23.86 -25.14 -8.65
C THR A 600 23.61 -24.66 -10.07
N LEU A 601 22.78 -23.63 -10.20
CA LEU A 601 22.46 -23.08 -11.50
C LEU A 601 23.19 -21.76 -11.71
N THR A 602 23.76 -21.60 -12.90
CA THR A 602 24.34 -20.32 -13.26
C THR A 602 23.74 -19.89 -14.59
N LEU A 603 23.38 -18.62 -14.69
CA LEU A 603 22.85 -18.05 -15.92
C LEU A 603 23.59 -16.77 -16.26
N GLY A 604 24.17 -16.72 -17.46
CA GLY A 604 24.91 -15.54 -17.87
C GLY A 604 24.27 -14.91 -19.09
N ILE A 605 24.06 -13.61 -19.06
CA ILE A 605 23.39 -12.93 -20.14
C ILE A 605 24.15 -11.68 -20.52
N LYS A 606 24.60 -11.60 -21.76
CA LYS A 606 25.38 -10.47 -22.22
C LYS A 606 25.06 -10.18 -23.68
N GLY A 607 24.52 -8.99 -23.94
CA GLY A 607 24.09 -8.62 -25.28
C GLY A 607 23.10 -9.62 -25.87
N TYR A 608 23.43 -10.15 -27.04
CA TYR A 608 22.53 -11.04 -27.77
C TYR A 608 22.58 -12.49 -27.33
N PHE A 609 23.46 -12.82 -26.39
CA PHE A 609 23.71 -14.23 -26.09
C PHE A 609 23.66 -14.55 -24.61
N ALA A 610 23.27 -15.79 -24.31
CA ALA A 610 23.21 -16.27 -22.95
C ALA A 610 23.81 -17.66 -22.84
N PHE A 611 24.13 -18.07 -21.61
CA PHE A 611 24.64 -19.42 -21.36
C PHE A 611 24.14 -19.90 -20.02
N GLY A 612 24.03 -21.21 -19.86
CA GLY A 612 23.67 -21.79 -18.59
C GLY A 612 24.63 -22.86 -18.13
N MET A 613 24.86 -22.88 -16.82
CA MET A 613 25.69 -23.92 -16.23
C MET A 613 24.92 -24.75 -15.22
N LEU A 614 25.25 -26.03 -15.17
CA LEU A 614 24.80 -26.93 -14.13
C LEU A 614 26.00 -27.40 -13.35
N ASN A 615 26.04 -27.09 -12.06
CA ASN A 615 27.18 -27.41 -11.20
C ASN A 615 28.52 -27.00 -11.80
N GLY A 616 28.59 -25.79 -12.36
CA GLY A 616 29.84 -25.28 -12.89
C GLY A 616 30.20 -25.77 -14.27
N THR A 617 29.43 -26.71 -14.81
CA THR A 617 29.70 -27.25 -16.14
C THR A 617 28.70 -26.74 -17.17
N ILE A 618 29.20 -26.23 -18.29
CA ILE A 618 28.34 -25.64 -19.31
C ILE A 618 27.27 -26.61 -19.78
N LEU A 619 26.02 -26.20 -19.67
CA LEU A 619 24.90 -26.99 -20.17
C LEU A 619 24.48 -26.51 -21.56
N TRP A 620 24.37 -25.20 -21.71
CA TRP A 620 24.10 -24.61 -23.02
C TRP A 620 24.82 -23.27 -23.10
N LYS A 621 25.15 -22.86 -24.32
CA LYS A 621 26.08 -21.76 -24.53
C LYS A 621 25.69 -20.98 -25.78
N ASN A 622 25.98 -19.68 -25.78
CA ASN A 622 25.79 -18.85 -26.96
C ASN A 622 24.40 -18.92 -27.57
N VAL A 623 23.39 -19.04 -26.72
CA VAL A 623 22.02 -19.07 -27.20
C VAL A 623 21.56 -17.64 -27.43
N ARG A 624 21.00 -17.38 -28.60
CA ARG A 624 20.62 -16.02 -28.96
C ARG A 624 19.34 -15.65 -28.24
N VAL A 625 19.33 -14.44 -27.66
CA VAL A 625 18.19 -13.91 -26.92
C VAL A 625 17.90 -12.48 -27.38
N LYS A 626 16.67 -12.03 -27.19
CA LYS A 626 16.27 -10.69 -27.61
C LYS A 626 17.17 -9.63 -26.97
N TYR A 627 17.55 -8.64 -27.76
CA TYR A 627 18.38 -7.55 -27.29
C TYR A 627 18.14 -6.36 -28.20
N PRO A 628 18.11 -5.15 -27.64
CA PRO A 628 18.27 -4.80 -26.22
C PRO A 628 17.14 -5.30 -25.33
N GLY A 629 17.42 -5.43 -24.04
CA GLY A 629 16.43 -5.85 -23.07
C GLY A 629 17.01 -5.70 -21.67
N HIS A 630 16.15 -5.46 -20.70
CA HIS A 630 16.61 -5.25 -19.34
C HIS A 630 15.56 -5.64 -18.32
N GLY A 631 15.99 -5.87 -17.08
CA GLY A 631 15.09 -6.20 -16.00
C GLY A 631 15.76 -6.86 -14.80
N TRP A 632 14.97 -7.17 -13.79
CA TRP A 632 15.45 -7.82 -12.57
C TRP A 632 15.99 -9.23 -12.75
N ALA A 633 16.65 -9.72 -11.70
CA ALA A 633 16.94 -11.15 -11.55
C ALA A 633 15.81 -11.82 -10.79
N ALA A 634 15.67 -13.13 -10.95
CA ALA A 634 14.57 -13.83 -10.30
C ALA A 634 14.85 -15.29 -10.01
N ILE A 635 14.11 -15.82 -9.04
CA ILE A 635 14.04 -17.25 -8.78
C ILE A 635 12.58 -17.70 -8.78
N GLY A 636 12.34 -19.00 -8.93
CA GLY A 636 10.99 -19.49 -8.84
C GLY A 636 10.79 -20.96 -9.17
N THR A 637 9.52 -21.37 -9.18
CA THR A 637 9.17 -22.78 -9.33
C THR A 637 8.12 -22.96 -10.43
N HIS A 638 8.04 -24.16 -11.01
CA HIS A 638 7.20 -24.36 -12.18
C HIS A 638 5.71 -24.19 -11.87
N THR A 639 5.24 -24.75 -10.76
CA THR A 639 3.89 -24.49 -10.31
C THR A 639 3.89 -24.11 -8.84
N PHE A 640 2.74 -24.19 -8.19
CA PHE A 640 2.67 -23.92 -6.76
C PHE A 640 3.15 -25.17 -6.03
N GLU A 641 4.45 -25.22 -5.80
CA GLU A 641 5.11 -26.43 -5.30
C GLU A 641 6.27 -26.07 -4.36
N PHE A 642 6.55 -26.94 -3.39
CA PHE A 642 7.68 -26.70 -2.49
C PHE A 642 9.02 -26.82 -3.22
N ALA A 643 9.94 -25.92 -2.89
CA ALA A 643 11.26 -25.89 -3.49
C ALA A 643 12.16 -25.01 -2.63
N GLN A 644 13.44 -25.29 -2.62
CA GLN A 644 14.35 -24.51 -1.80
C GLN A 644 15.47 -23.91 -2.61
N PHE A 645 16.03 -22.83 -2.08
CA PHE A 645 17.05 -22.05 -2.75
C PHE A 645 18.10 -21.67 -1.72
N ASP A 646 19.37 -21.62 -2.14
CA ASP A 646 20.44 -21.27 -1.23
C ASP A 646 21.60 -20.63 -1.97
N ASN A 647 22.34 -19.79 -1.26
CA ASN A 647 23.53 -19.14 -1.78
C ASN A 647 23.28 -18.39 -3.08
N PHE A 648 22.36 -17.43 -3.01
CA PHE A 648 22.03 -16.60 -4.16
C PHE A 648 23.12 -15.58 -4.42
N ARG A 649 23.48 -15.42 -5.68
CA ARG A 649 24.45 -14.40 -6.06
C ARG A 649 24.12 -13.80 -7.41
N VAL A 650 24.34 -12.51 -7.55
CA VAL A 650 24.17 -11.88 -8.84
C VAL A 650 25.24 -10.82 -9.06
N GLU A 651 25.81 -10.81 -10.25
CA GLU A 651 26.68 -9.73 -10.68
C GLU A 651 26.07 -9.13 -11.92
N ALA A 652 26.03 -7.80 -12.01
CA ALA A 652 25.37 -7.17 -13.15
C ALA A 652 25.95 -5.83 -13.55
N ALA A 653 25.80 -5.50 -14.83
CA ALA A 653 26.13 -4.17 -15.32
C ALA A 653 24.84 -3.49 -15.76
N ARG A 654 24.70 -2.21 -15.45
CA ARG A 654 23.47 -1.49 -15.71
C ARG A 654 23.58 -0.53 -16.88
C1 NAG B . -24.27 16.29 2.02
C2 NAG B . -25.38 16.64 2.99
C3 NAG B . -26.38 17.61 2.37
C4 NAG B . -25.72 18.74 1.57
C5 NAG B . -24.52 18.24 0.77
C6 NAG B . -23.67 19.36 0.23
C7 NAG B . -26.05 14.94 4.65
C8 NAG B . -25.26 15.74 5.66
N2 NAG B . -26.07 15.42 3.40
O3 NAG B . -27.16 18.18 3.42
O4 NAG B . -26.69 19.16 0.63
O5 NAG B . -23.66 17.45 1.59
O6 NAG B . -22.82 18.92 -0.82
O7 NAG B . -26.64 13.92 4.95
C1 NAG B . -27.06 20.56 0.61
C2 NAG B . -27.61 21.11 1.93
C3 NAG B . -28.11 22.56 1.73
C4 NAG B . -27.04 23.40 1.05
C5 NAG B . -26.53 22.70 -0.22
C6 NAG B . -25.40 23.43 -0.89
C7 NAG B . -29.18 20.33 3.67
C8 NAG B . -30.29 19.38 3.99
N2 NAG B . -28.69 20.27 2.42
O3 NAG B . -28.45 23.13 2.98
O4 NAG B . -27.59 24.67 0.69
O5 NAG B . -26.04 21.41 0.14
O6 NAG B . -24.72 22.56 -1.80
O7 NAG B . -28.73 21.12 4.49
C1 NAG C . -7.87 23.49 22.01
C2 NAG C . -8.63 23.83 23.30
C3 NAG C . -7.72 23.65 24.51
C4 NAG C . -7.10 22.26 24.53
C5 NAG C . -6.39 22.01 23.19
C6 NAG C . -5.87 20.60 23.07
C7 NAG C . -8.47 26.29 23.03
C8 NAG C . -9.25 27.56 23.01
N2 NAG C . -9.18 25.17 23.24
O3 NAG C . -8.50 23.84 25.69
O4 NAG C . -6.18 22.12 25.60
O5 NAG C . -7.31 22.19 22.12
O6 NAG C . -6.94 19.68 22.94
O7 NAG C . -7.25 26.26 22.86
C1 NAG C . -6.52 21.00 26.44
C2 NAG C . -5.33 20.64 27.32
C3 NAG C . -5.68 19.48 28.27
C4 NAG C . -6.96 19.79 29.02
C5 NAG C . -8.07 20.15 28.03
C6 NAG C . -9.37 20.54 28.70
C7 NAG C . -3.30 21.20 26.05
C8 NAG C . -2.17 20.67 25.24
N2 NAG C . -4.16 20.29 26.52
O3 NAG C . -4.61 19.27 29.18
O4 NAG C . -7.36 18.67 29.82
O5 NAG C . -7.66 21.27 27.24
O6 NAG C . -10.17 21.36 27.85
O7 NAG C . -3.43 22.40 26.30
C1 NAG D . 26.14 -5.28 -22.32
C2 NAG D . 26.73 -3.87 -22.41
C3 NAG D . 26.73 -3.38 -23.85
C4 NAG D . 27.43 -4.38 -24.77
C5 NAG D . 26.80 -5.77 -24.58
C6 NAG D . 27.50 -6.85 -25.37
C7 NAG D . 26.35 -2.69 -20.28
C8 NAG D . 25.50 -1.69 -19.57
N2 NAG D . 26.01 -2.94 -21.56
O3 NAG D . 27.36 -2.11 -23.95
O4 NAG D . 27.26 -3.97 -26.12
O5 NAG D . 26.86 -6.15 -23.21
O6 NAG D . 28.90 -6.84 -25.11
O7 NAG D . 27.29 -3.25 -19.74
C1 NAG D . 28.52 -3.82 -26.82
C2 NAG D . 28.16 -3.71 -28.30
C3 NAG D . 29.43 -3.51 -29.13
C4 NAG D . 30.21 -2.30 -28.61
C5 NAG D . 30.50 -2.48 -27.13
C6 NAG D . 31.19 -1.28 -26.52
C7 NAG D . 26.16 -4.85 -29.11
C8 NAG D . 25.56 -6.15 -29.56
N2 NAG D . 27.44 -4.88 -28.75
O3 NAG D . 29.07 -3.32 -30.50
O4 NAG D . 31.43 -2.16 -29.34
O5 NAG D . 29.26 -2.66 -26.42
O6 NAG D . 30.28 -0.51 -25.75
O7 NAG D . 25.50 -3.81 -29.08
O2 AGK E . -4.18 -1.64 -7.24
C4 AGK E . -4.23 -0.68 -6.20
C3 AGK E . -4.94 -1.28 -5.00
O1 AGK E . -4.28 -2.47 -4.58
C2 AGK E . -6.38 -1.58 -5.36
N1 AGK E . -6.97 -0.27 -5.70
C5 AGK E . -4.96 0.57 -6.70
C6 AGK E . -4.48 0.95 -8.07
O AGK E . -4.65 2.32 -8.30
N AGK E . -6.39 0.23 -6.88
C1 NAG F . -9.93 31.66 -16.32
C2 NAG F . -10.09 31.73 -17.83
C3 NAG F . -9.53 33.05 -18.36
C4 NAG F . -10.19 34.23 -17.64
C5 NAG F . -10.00 34.08 -16.13
C6 NAG F . -10.76 35.13 -15.34
C7 NAG F . -10.14 29.75 -19.26
C8 NAG F . -9.33 28.67 -19.91
N2 NAG F . -9.45 30.62 -18.50
O3 NAG F . -9.72 33.14 -19.76
O4 NAG F . -9.60 35.45 -18.06
O5 NAG F . -10.52 32.81 -15.71
O6 NAG F . -12.15 35.13 -15.66
O7 NAG F . -11.35 29.83 -19.42
CA CA G . 22.17 -21.16 3.46
#